data_5ABV
#
_entry.id   5ABV
#
_cell.length_a   65.900
_cell.length_b   82.020
_cell.length_c   84.730
_cell.angle_alpha   90.00
_cell.angle_beta   90.13
_cell.angle_gamma   90.00
#
_symmetry.space_group_name_H-M   'P 1 21 1'
#
loop_
_entity.id
_entity.type
_entity.pdbx_description
1 polymer 'EUKARYOTIC TRANSLATION INITIATION FACTOR 4E'
2 polymer GH11071P
3 water water
#
loop_
_entity_poly.entity_id
_entity_poly.type
_entity_poly.pdbx_seq_one_letter_code
_entity_poly.pdbx_strand_id
1 'polypeptide(L)'
;GPHMKHPLMNVWTLWYLENDRSKSWEDMQNEITSFDTVEDFWSLYNHIKPPSEIKLGSDYSLFKKNIRPMWEDAANKQGG
RWVITLNKSSKTDLDNLWLDVLLCLIGEAFDHSDQICGAVINIRGKSNKISIWTADGNNEEAALEIGHKLRDALRLGRNN
SLQYQLHKDTMVKQGSNVKSIYTL
;
A,C,E,G
2 'polypeptide(L)' GPHMLESRVSYDIEHLLYYSMSPHSWTLPTDWQKMQETAPSILRNKDLQDESQRFDGDKYLASIKTAAKR B,D,F,H
#
# COMPACT_ATOMS: atom_id res chain seq x y z
N HIS A 3 41.46 -6.36 49.84
CA HIS A 3 40.26 -5.52 49.70
C HIS A 3 38.99 -6.31 49.86
N MET A 4 38.04 -5.74 50.60
CA MET A 4 36.73 -6.33 50.81
C MET A 4 35.66 -5.54 50.05
N LYS A 5 34.84 -6.25 49.30
CA LYS A 5 33.76 -5.70 48.48
C LYS A 5 32.51 -5.61 49.33
N HIS A 6 31.47 -4.92 48.84
CA HIS A 6 30.22 -4.78 49.60
C HIS A 6 29.28 -5.91 49.23
N PRO A 7 29.03 -6.85 50.16
CA PRO A 7 28.14 -8.00 49.85
C PRO A 7 26.66 -7.68 49.64
N LEU A 8 26.07 -8.35 48.68
CA LEU A 8 24.64 -8.22 48.40
C LEU A 8 23.87 -9.22 49.26
N MET A 9 22.58 -8.96 49.52
CA MET A 9 21.75 -9.89 50.28
C MET A 9 21.54 -11.19 49.53
N ASN A 10 21.49 -11.12 48.18
CA ASN A 10 21.26 -12.27 47.30
C ASN A 10 22.32 -12.37 46.22
N VAL A 11 22.42 -13.55 45.59
CA VAL A 11 23.24 -13.81 44.42
C VAL A 11 22.35 -13.52 43.22
N TRP A 12 22.85 -12.76 42.25
CA TRP A 12 22.04 -12.42 41.07
C TRP A 12 22.64 -12.99 39.80
N THR A 13 21.77 -13.44 38.86
CA THR A 13 22.22 -14.02 37.59
C THR A 13 21.75 -13.19 36.44
N LEU A 14 22.68 -12.82 35.51
CA LEU A 14 22.33 -12.09 34.29
C LEU A 14 22.12 -13.09 33.16
N TRP A 15 21.00 -12.96 32.42
CA TRP A 15 20.64 -13.81 31.29
C TRP A 15 20.52 -12.91 30.10
N TYR A 16 20.92 -13.40 28.94
CA TYR A 16 20.83 -12.66 27.69
C TYR A 16 20.09 -13.55 26.68
N LEU A 17 18.99 -13.04 26.08
CA LEU A 17 18.24 -13.77 25.03
C LEU A 17 18.55 -13.09 23.70
N GLU A 18 18.92 -13.84 22.65
CA GLU A 18 19.32 -13.19 21.40
C GLU A 18 18.31 -13.29 20.26
N ASN A 19 17.54 -14.40 20.19
CA ASN A 19 16.57 -14.72 19.13
C ASN A 19 17.35 -15.03 17.84
N ASP A 20 18.56 -15.56 18.05
CA ASP A 20 19.55 -15.97 17.06
C ASP A 20 19.27 -17.42 16.67
N ARG A 21 19.03 -17.65 15.35
CA ARG A 21 18.75 -18.95 14.73
C ARG A 21 19.89 -19.97 14.87
N SER A 22 21.12 -19.53 15.19
CA SER A 22 22.29 -20.41 15.36
C SER A 22 22.09 -21.35 16.55
N LYS A 23 21.40 -20.86 17.60
CA LYS A 23 21.07 -21.64 18.81
C LYS A 23 19.63 -22.16 18.78
N SER A 24 19.43 -23.42 19.24
CA SER A 24 18.12 -24.08 19.33
C SER A 24 17.25 -23.33 20.35
N TRP A 25 15.92 -23.44 20.20
CA TRP A 25 14.96 -22.77 21.07
C TRP A 25 15.29 -22.90 22.58
N GLU A 26 15.64 -24.13 23.01
CA GLU A 26 15.94 -24.44 24.40
C GLU A 26 17.29 -23.84 24.87
N ASP A 27 18.19 -23.49 23.93
CA ASP A 27 19.48 -22.87 24.20
C ASP A 27 19.52 -21.34 23.99
N MET A 28 18.40 -20.71 23.58
CA MET A 28 18.34 -19.26 23.33
C MET A 28 18.48 -18.37 24.59
N GLN A 29 18.02 -18.85 25.75
CA GLN A 29 18.16 -18.11 26.99
C GLN A 29 19.56 -18.45 27.55
N ASN A 30 20.53 -17.51 27.42
CA ASN A 30 21.93 -17.71 27.85
C ASN A 30 22.25 -17.08 29.19
N GLU A 31 22.67 -17.91 30.15
CA GLU A 31 23.14 -17.53 31.49
C GLU A 31 24.51 -16.95 31.30
N ILE A 32 24.65 -15.63 31.58
CA ILE A 32 25.90 -14.94 31.39
C ILE A 32 26.84 -15.19 32.58
N THR A 33 26.48 -14.69 33.77
CA THR A 33 27.27 -14.82 35.00
C THR A 33 26.39 -14.45 36.21
N SER A 34 26.93 -14.68 37.39
CA SER A 34 26.30 -14.39 38.66
C SER A 34 27.28 -13.52 39.46
N PHE A 35 26.76 -12.75 40.39
CA PHE A 35 27.55 -11.88 41.26
C PHE A 35 26.82 -11.76 42.59
N ASP A 36 27.57 -11.44 43.63
CA ASP A 36 27.02 -11.31 44.96
C ASP A 36 27.61 -10.11 45.70
N THR A 37 28.31 -9.21 45.00
CA THR A 37 28.80 -7.96 45.62
C THR A 37 28.35 -6.78 44.77
N VAL A 38 28.37 -5.58 45.33
CA VAL A 38 28.04 -4.35 44.59
C VAL A 38 29.09 -4.11 43.51
N GLU A 39 30.38 -4.15 43.89
CA GLU A 39 31.50 -3.94 42.96
C GLU A 39 31.49 -4.95 41.79
N ASP A 40 31.11 -6.22 42.08
CA ASP A 40 30.99 -7.24 41.02
C ASP A 40 29.82 -6.91 40.09
N PHE A 41 28.79 -6.23 40.60
CA PHE A 41 27.68 -5.77 39.74
C PHE A 41 28.20 -4.70 38.75
N TRP A 42 28.94 -3.70 39.25
CA TRP A 42 29.49 -2.61 38.41
C TRP A 42 30.52 -3.09 37.44
N SER A 43 31.32 -4.09 37.86
CA SER A 43 32.30 -4.74 37.02
C SER A 43 31.59 -5.37 35.78
N LEU A 44 30.43 -6.00 36.00
CA LEU A 44 29.58 -6.58 34.96
C LEU A 44 28.95 -5.45 34.14
N TYR A 45 28.29 -4.49 34.80
CA TYR A 45 27.64 -3.35 34.16
C TYR A 45 28.56 -2.57 33.23
N ASN A 46 29.80 -2.33 33.66
CA ASN A 46 30.81 -1.58 32.91
C ASN A 46 31.37 -2.34 31.72
N HIS A 47 31.12 -3.67 31.62
CA HIS A 47 31.70 -4.46 30.53
C HIS A 47 30.68 -5.24 29.71
N ILE A 48 29.42 -4.83 29.78
CA ILE A 48 28.32 -5.36 28.96
C ILE A 48 27.62 -4.16 28.37
N LYS A 49 27.11 -4.30 27.15
CA LYS A 49 26.43 -3.23 26.43
C LYS A 49 25.14 -2.81 27.11
N PRO A 50 24.81 -1.51 27.20
CA PRO A 50 23.51 -1.11 27.78
C PRO A 50 22.33 -1.50 26.88
N PRO A 51 21.08 -1.58 27.44
CA PRO A 51 19.89 -1.90 26.59
C PRO A 51 19.78 -1.20 25.22
N SER A 52 20.14 0.08 25.16
CA SER A 52 20.10 0.91 23.94
C SER A 52 21.11 0.49 22.85
N GLU A 53 22.11 -0.35 23.20
CA GLU A 53 23.15 -0.84 22.29
C GLU A 53 22.96 -2.29 21.84
N ILE A 54 21.99 -3.00 22.43
CA ILE A 54 21.76 -4.42 22.13
C ILE A 54 20.76 -4.59 20.99
N LYS A 55 20.92 -5.69 20.21
CA LYS A 55 20.12 -6.09 19.06
C LYS A 55 18.62 -6.13 19.34
N LEU A 56 17.78 -5.89 18.31
CA LEU A 56 16.33 -5.94 18.46
C LEU A 56 15.91 -7.41 18.63
N GLY A 57 14.91 -7.63 19.47
CA GLY A 57 14.40 -8.96 19.78
C GLY A 57 15.10 -9.60 20.97
N SER A 58 16.15 -8.94 21.49
CA SER A 58 16.95 -9.40 22.63
C SER A 58 16.37 -9.03 23.97
N ASP A 59 16.77 -9.77 25.01
CA ASP A 59 16.37 -9.48 26.38
C ASP A 59 17.59 -9.51 27.30
N TYR A 60 17.54 -8.72 28.36
CA TYR A 60 18.48 -8.87 29.46
C TYR A 60 17.53 -9.24 30.56
N SER A 61 17.88 -10.21 31.38
CA SER A 61 17.09 -10.61 32.54
C SER A 61 18.02 -10.69 33.74
N LEU A 62 17.61 -10.08 34.86
CA LEU A 62 18.39 -10.22 36.08
C LEU A 62 17.51 -10.90 37.11
N PHE A 63 17.85 -12.17 37.49
CA PHE A 63 17.06 -12.99 38.43
C PHE A 63 17.86 -13.45 39.60
N LYS A 64 17.20 -13.71 40.74
CA LYS A 64 17.88 -14.23 41.92
C LYS A 64 18.38 -15.60 41.55
N LYS A 65 19.55 -16.00 42.10
CA LYS A 65 20.16 -17.29 41.80
C LYS A 65 19.16 -18.44 41.91
N ASN A 66 19.19 -19.34 40.90
CA ASN A 66 18.40 -20.57 40.74
C ASN A 66 16.97 -20.30 40.27
N ILE A 67 16.65 -19.07 39.85
CA ILE A 67 15.34 -18.73 39.28
C ILE A 67 15.57 -18.41 37.80
N ARG A 68 14.99 -19.18 36.90
CA ARG A 68 15.14 -18.89 35.47
C ARG A 68 14.17 -17.82 35.00
N PRO A 69 14.47 -17.02 33.92
CA PRO A 69 13.53 -15.97 33.48
C PRO A 69 12.34 -16.45 32.66
N MET A 70 11.60 -17.41 33.21
CA MET A 70 10.45 -18.02 32.52
C MET A 70 9.31 -18.17 33.50
N TRP A 71 8.15 -17.62 33.13
CA TRP A 71 6.93 -17.64 33.96
C TRP A 71 6.60 -19.05 34.46
N GLU A 72 6.95 -20.07 33.66
CA GLU A 72 6.71 -21.48 33.95
C GLU A 72 7.64 -22.05 35.02
N ASP A 73 8.76 -21.39 35.38
CA ASP A 73 9.66 -21.84 36.47
C ASP A 73 8.79 -21.91 37.76
N ALA A 74 9.03 -22.92 38.62
CA ALA A 74 8.24 -23.09 39.86
C ALA A 74 8.25 -21.83 40.81
N ALA A 75 9.34 -21.05 40.81
CA ALA A 75 9.43 -19.84 41.63
C ALA A 75 8.64 -18.68 41.02
N ASN A 76 8.23 -18.79 39.74
CA ASN A 76 7.45 -17.77 39.00
C ASN A 76 6.01 -18.13 38.68
N LYS A 77 5.64 -19.44 38.60
CA LYS A 77 4.30 -19.93 38.19
C LYS A 77 3.12 -19.19 38.82
N GLN A 78 3.19 -18.92 40.14
CA GLN A 78 2.11 -18.30 40.93
C GLN A 78 2.23 -16.79 40.98
N GLY A 79 3.25 -16.27 40.34
CA GLY A 79 3.59 -14.86 40.38
C GLY A 79 2.99 -14.01 39.30
N GLY A 80 3.64 -12.90 39.09
CA GLY A 80 3.26 -11.91 38.10
C GLY A 80 4.35 -10.88 37.89
N ARG A 81 4.01 -9.80 37.18
CA ARG A 81 5.00 -8.77 36.84
C ARG A 81 4.43 -7.36 36.77
N TRP A 82 5.24 -6.39 37.17
CA TRP A 82 4.94 -4.99 37.02
C TRP A 82 5.59 -4.63 35.67
N VAL A 83 4.76 -4.24 34.68
CA VAL A 83 5.15 -3.93 33.29
C VAL A 83 5.16 -2.43 33.05
N ILE A 84 6.32 -1.95 32.54
CA ILE A 84 6.55 -0.56 32.14
C ILE A 84 6.73 -0.59 30.63
N THR A 85 5.82 0.06 29.90
CA THR A 85 5.88 0.11 28.45
C THR A 85 6.46 1.48 28.05
N LEU A 86 7.57 1.44 27.30
CA LEU A 86 8.30 2.64 26.85
C LEU A 86 8.20 2.84 25.34
N ASN A 87 7.10 3.46 24.90
CA ASN A 87 6.85 3.69 23.48
C ASN A 87 7.71 4.85 22.95
N LYS A 88 7.57 6.03 23.55
CA LYS A 88 8.28 7.24 23.18
C LYS A 88 9.41 7.62 24.19
N SER A 89 10.41 6.73 24.32
CA SER A 89 11.54 6.95 25.24
C SER A 89 12.88 7.13 24.54
N SER A 90 13.72 8.02 25.10
CA SER A 90 15.06 8.27 24.60
C SER A 90 15.96 7.07 24.96
N LYS A 91 17.13 6.97 24.32
CA LYS A 91 18.12 5.94 24.58
C LYS A 91 18.68 6.10 26.00
N THR A 92 18.88 7.35 26.45
CA THR A 92 19.41 7.65 27.79
C THR A 92 18.41 7.24 28.88
N ASP A 93 17.13 7.65 28.76
CA ASP A 93 16.09 7.31 29.74
C ASP A 93 15.84 5.80 29.84
N LEU A 94 15.92 5.08 28.71
CA LEU A 94 15.73 3.63 28.69
C LEU A 94 16.83 2.93 29.52
N ASP A 95 18.09 3.28 29.30
CA ASP A 95 19.25 2.72 30.01
C ASP A 95 19.23 3.09 31.50
N ASN A 96 18.83 4.33 31.83
CA ASN A 96 18.71 4.84 33.18
C ASN A 96 17.61 4.14 33.91
N LEU A 97 16.48 3.84 33.22
CA LEU A 97 15.36 3.10 33.84
C LEU A 97 15.76 1.69 34.14
N TRP A 98 16.44 1.01 33.20
CA TRP A 98 16.90 -0.35 33.43
C TRP A 98 17.88 -0.35 34.60
N LEU A 99 18.86 0.59 34.63
CA LEU A 99 19.81 0.66 35.74
C LEU A 99 19.09 0.92 37.09
N ASP A 100 18.13 1.83 37.12
CA ASP A 100 17.36 2.14 38.34
C ASP A 100 16.65 0.93 38.85
N VAL A 101 16.11 0.09 37.94
CA VAL A 101 15.45 -1.17 38.31
C VAL A 101 16.49 -2.14 38.93
N LEU A 102 17.63 -2.32 38.28
CA LEU A 102 18.74 -3.17 38.75
C LEU A 102 19.21 -2.79 40.17
N LEU A 103 19.29 -1.48 40.45
CA LEU A 103 19.70 -0.93 41.75
C LEU A 103 18.68 -1.23 42.83
N CYS A 104 17.38 -1.10 42.53
CA CYS A 104 16.28 -1.47 43.42
C CYS A 104 16.37 -2.92 43.83
N LEU A 105 16.61 -3.78 42.84
CA LEU A 105 16.72 -5.21 43.03
C LEU A 105 17.90 -5.60 43.91
N ILE A 106 19.14 -5.26 43.51
CA ILE A 106 20.36 -5.69 44.22
C ILE A 106 20.52 -5.00 45.58
N GLY A 107 20.00 -3.78 45.69
CA GLY A 107 20.05 -2.98 46.92
C GLY A 107 19.01 -3.40 47.94
N GLU A 108 18.02 -4.23 47.54
CA GLU A 108 16.93 -4.75 48.37
C GLU A 108 16.10 -3.59 48.92
N ALA A 109 15.68 -2.71 48.02
CA ALA A 109 14.93 -1.51 48.35
C ALA A 109 13.47 -1.75 48.83
N PHE A 110 12.94 -2.97 48.71
CA PHE A 110 11.57 -3.27 49.10
C PHE A 110 11.46 -3.94 50.45
N ASP A 111 10.33 -3.73 51.16
CA ASP A 111 10.02 -4.43 52.42
C ASP A 111 9.77 -5.91 52.11
N HIS A 112 9.16 -6.18 50.93
CA HIS A 112 8.82 -7.54 50.48
C HIS A 112 9.85 -8.07 49.50
N SER A 113 11.12 -8.02 49.97
CA SER A 113 12.35 -8.43 49.28
C SER A 113 12.27 -9.84 48.76
N ASP A 114 11.78 -10.73 49.61
CA ASP A 114 11.66 -12.15 49.29
C ASP A 114 10.63 -12.39 48.18
N GLN A 115 9.76 -11.38 47.87
CA GLN A 115 8.75 -11.54 46.82
C GLN A 115 9.29 -11.23 45.44
N ILE A 116 10.42 -10.50 45.34
CA ILE A 116 11.06 -10.18 44.06
C ILE A 116 11.67 -11.46 43.47
N CYS A 117 11.53 -11.64 42.16
CA CYS A 117 12.17 -12.79 41.48
C CYS A 117 13.33 -12.32 40.62
N GLY A 118 13.05 -11.32 39.81
CA GLY A 118 13.98 -10.68 38.90
C GLY A 118 13.32 -9.62 38.07
N ALA A 119 14.03 -9.17 37.05
CA ALA A 119 13.52 -8.19 36.11
C ALA A 119 13.98 -8.57 34.71
N VAL A 120 13.20 -8.16 33.71
CA VAL A 120 13.47 -8.45 32.30
C VAL A 120 13.29 -7.15 31.49
N ILE A 121 14.23 -6.89 30.57
CA ILE A 121 14.04 -5.77 29.65
C ILE A 121 13.92 -6.35 28.20
N ASN A 122 12.77 -6.14 27.52
CA ASN A 122 12.58 -6.57 26.12
C ASN A 122 12.89 -5.39 25.23
N ILE A 123 13.79 -5.58 24.27
CA ILE A 123 14.20 -4.51 23.33
C ILE A 123 13.57 -4.80 21.98
N ARG A 124 12.55 -3.99 21.63
CA ARG A 124 11.80 -4.06 20.36
C ARG A 124 11.76 -2.65 19.73
N GLY A 125 11.86 -2.59 18.42
CA GLY A 125 11.87 -1.31 17.70
C GLY A 125 10.57 -0.53 17.86
N LYS A 126 9.43 -1.27 17.83
CA LYS A 126 8.07 -0.77 17.96
C LYS A 126 7.73 -0.27 19.38
N SER A 127 8.24 -0.96 20.43
CA SER A 127 8.02 -0.62 21.85
C SER A 127 8.90 -1.46 22.80
N ASN A 128 9.64 -0.78 23.69
CA ASN A 128 10.48 -1.43 24.70
C ASN A 128 9.66 -1.62 25.98
N LYS A 129 9.96 -2.69 26.73
CA LYS A 129 9.30 -3.03 27.99
C LYS A 129 10.30 -3.45 29.07
N ILE A 130 10.11 -2.95 30.31
CA ILE A 130 10.88 -3.35 31.49
C ILE A 130 9.86 -3.96 32.44
N SER A 131 10.08 -5.21 32.89
CA SER A 131 9.18 -5.89 33.82
C SER A 131 9.90 -6.33 35.05
N ILE A 132 9.21 -6.18 36.19
CA ILE A 132 9.72 -6.59 37.51
C ILE A 132 8.81 -7.72 37.95
N TRP A 133 9.37 -8.95 37.97
CA TRP A 133 8.65 -10.17 38.34
C TRP A 133 8.68 -10.39 39.83
N THR A 134 7.55 -10.87 40.31
CA THR A 134 7.15 -11.13 41.69
C THR A 134 6.70 -12.57 41.84
N ALA A 135 6.89 -13.16 43.03
CA ALA A 135 6.60 -14.58 43.29
C ALA A 135 5.13 -14.95 43.48
N ASP A 136 4.33 -14.10 44.08
CA ASP A 136 2.94 -14.43 44.35
C ASP A 136 2.01 -13.29 43.88
N GLY A 137 1.29 -13.57 42.80
CA GLY A 137 0.38 -12.61 42.17
C GLY A 137 -0.79 -12.23 43.03
N ASN A 138 -1.19 -13.12 43.95
CA ASN A 138 -2.30 -12.89 44.86
C ASN A 138 -1.92 -12.15 46.15
N ASN A 139 -0.61 -11.98 46.42
CA ASN A 139 -0.13 -11.25 47.59
C ASN A 139 -0.21 -9.77 47.24
N GLU A 140 -1.38 -9.19 47.40
CA GLU A 140 -1.67 -7.77 47.13
C GLU A 140 -0.73 -6.80 47.87
N GLU A 141 -0.57 -7.01 49.19
CA GLU A 141 0.33 -6.20 50.04
C GLU A 141 1.74 -6.08 49.43
N ALA A 142 2.36 -7.22 49.05
CA ALA A 142 3.69 -7.18 48.44
C ALA A 142 3.66 -6.55 47.07
N ALA A 143 2.73 -6.97 46.20
CA ALA A 143 2.64 -6.46 44.84
C ALA A 143 2.50 -4.93 44.84
N LEU A 144 1.64 -4.36 45.73
CA LEU A 144 1.42 -2.92 45.84
C LEU A 144 2.60 -2.17 46.46
N GLU A 145 3.21 -2.69 47.56
CA GLU A 145 4.41 -2.09 48.18
C GLU A 145 5.59 -2.07 47.18
N ILE A 146 5.70 -3.11 46.32
CA ILE A 146 6.75 -3.17 45.30
C ILE A 146 6.41 -2.14 44.21
N GLY A 147 5.15 -2.15 43.77
CA GLY A 147 4.64 -1.25 42.74
C GLY A 147 4.87 0.21 43.09
N HIS A 148 4.54 0.58 44.34
CA HIS A 148 4.70 1.92 44.89
C HIS A 148 6.17 2.33 45.00
N LYS A 149 7.05 1.44 45.51
CA LYS A 149 8.49 1.72 45.63
C LYS A 149 9.14 1.96 44.27
N LEU A 150 8.73 1.14 43.27
CA LEU A 150 9.18 1.27 41.88
C LEU A 150 8.85 2.68 41.34
N ARG A 151 7.60 3.14 41.44
CA ARG A 151 7.28 4.49 40.93
C ARG A 151 8.06 5.63 41.61
N ASP A 152 8.32 5.53 42.93
CA ASP A 152 9.02 6.56 43.71
C ASP A 152 10.57 6.51 43.56
N ALA A 153 11.11 5.38 43.09
CA ALA A 153 12.55 5.23 42.87
C ALA A 153 12.92 5.44 41.39
N LEU A 154 12.00 5.10 40.47
CA LEU A 154 12.20 5.22 39.02
C LEU A 154 11.74 6.56 38.53
N ARG A 155 12.38 7.06 37.45
CA ARG A 155 12.06 8.35 36.84
C ARG A 155 10.86 8.14 35.92
N LEU A 156 9.72 7.79 36.54
CA LEU A 156 8.48 7.46 35.86
C LEU A 156 7.38 8.48 36.08
N GLY A 157 7.01 9.17 35.01
CA GLY A 157 5.94 10.17 35.00
C GLY A 157 4.56 9.53 34.90
N ARG A 158 3.52 10.38 34.88
CA ARG A 158 2.11 9.98 34.81
C ARG A 158 1.73 9.29 33.48
N ASN A 159 2.45 9.62 32.36
CA ASN A 159 2.20 9.05 31.03
C ASN A 159 2.38 7.53 31.01
N ASN A 160 3.61 7.05 31.27
CA ASN A 160 3.88 5.62 31.33
C ASN A 160 3.37 5.06 32.66
N SER A 161 2.46 4.09 32.55
CA SER A 161 1.82 3.41 33.67
C SER A 161 2.50 2.07 33.99
N LEU A 162 2.39 1.68 35.28
CA LEU A 162 2.82 0.40 35.82
C LEU A 162 1.57 -0.47 35.72
N GLN A 163 1.67 -1.61 35.04
CA GLN A 163 0.53 -2.51 34.84
C GLN A 163 0.91 -3.89 35.36
N TYR A 164 0.32 -4.29 36.51
CA TYR A 164 0.66 -5.59 37.08
C TYR A 164 -0.14 -6.69 36.41
N GLN A 165 0.56 -7.71 35.89
CA GLN A 165 -0.07 -8.84 35.19
C GLN A 165 0.29 -10.15 35.82
N LEU A 166 -0.71 -11.06 35.97
CA LEU A 166 -0.45 -12.40 36.51
C LEU A 166 0.20 -13.25 35.42
N HIS A 167 1.17 -14.09 35.79
CA HIS A 167 1.80 -15.00 34.81
C HIS A 167 0.82 -16.05 34.25
N LYS A 168 -0.28 -16.37 34.98
CA LYS A 168 -1.33 -17.31 34.52
C LYS A 168 -2.10 -16.61 33.36
N ASP A 169 -2.12 -15.25 33.37
CA ASP A 169 -2.78 -14.44 32.36
C ASP A 169 -1.95 -14.27 31.10
N THR A 170 -0.64 -13.91 31.23
CA THR A 170 0.31 -13.77 30.10
C THR A 170 0.30 -15.08 29.27
N MET A 171 0.23 -16.25 29.99
CA MET A 171 0.12 -17.64 29.51
C MET A 171 -0.91 -17.80 28.35
N VAL A 172 -1.89 -16.87 28.24
CA VAL A 172 -2.92 -16.94 27.20
C VAL A 172 -2.78 -15.79 26.13
N LYS A 173 -3.47 -15.99 24.96
CA LYS A 173 -3.59 -15.16 23.75
C LYS A 173 -2.46 -14.15 23.51
N ASN A 177 -4.27 -8.32 23.38
CA ASN A 177 -3.42 -7.78 24.44
C ASN A 177 -3.36 -8.70 25.70
N VAL A 178 -2.70 -8.22 26.78
CA VAL A 178 -2.54 -8.95 28.04
C VAL A 178 -3.44 -8.35 29.13
N LYS A 179 -4.07 -9.23 29.93
CA LYS A 179 -4.94 -8.80 31.04
C LYS A 179 -4.09 -8.33 32.23
N SER A 180 -4.43 -7.15 32.79
CA SER A 180 -3.76 -6.55 33.95
C SER A 180 -4.72 -6.52 35.15
N ILE A 181 -4.20 -6.78 36.36
CA ILE A 181 -5.03 -6.78 37.57
C ILE A 181 -4.79 -5.51 38.41
N TYR A 182 -3.68 -4.79 38.20
CA TYR A 182 -3.40 -3.51 38.88
C TYR A 182 -2.81 -2.50 37.91
N THR A 183 -3.16 -1.21 38.10
CA THR A 183 -2.62 -0.11 37.31
C THR A 183 -2.16 1.01 38.25
N LEU A 184 -0.91 1.47 38.07
CA LEU A 184 -0.29 2.54 38.86
C LEU A 184 0.41 3.55 37.92
N VAL B 9 20.99 -6.53 55.03
CA VAL B 9 22.03 -6.12 54.08
C VAL B 9 21.41 -5.39 52.86
N SER B 10 21.15 -4.10 53.01
CA SER B 10 20.54 -3.30 51.96
C SER B 10 21.36 -2.04 51.60
N TYR B 11 21.17 -1.52 50.39
CA TYR B 11 21.86 -0.32 49.93
C TYR B 11 20.92 0.57 49.15
N ASP B 12 20.86 1.86 49.52
CA ASP B 12 20.12 2.86 48.75
C ASP B 12 20.93 3.21 47.49
N ILE B 13 20.33 3.92 46.54
CA ILE B 13 20.97 4.30 45.28
C ILE B 13 22.26 5.14 45.54
N GLU B 14 22.28 6.01 46.56
CA GLU B 14 23.47 6.84 46.88
C GLU B 14 24.71 5.96 47.16
N HIS B 15 24.54 4.96 48.02
CA HIS B 15 25.59 4.01 48.36
C HIS B 15 26.05 3.19 47.16
N LEU B 16 25.08 2.69 46.36
CA LEU B 16 25.35 1.89 45.16
C LEU B 16 26.12 2.65 44.10
N LEU B 17 25.78 3.93 43.91
CA LEU B 17 26.45 4.80 42.94
C LEU B 17 27.83 5.21 43.43
N TYR B 18 27.99 5.39 44.75
CA TYR B 18 29.31 5.71 45.28
C TYR B 18 30.27 4.54 44.97
N TYR B 19 29.84 3.28 45.26
CA TYR B 19 30.66 2.10 45.05
C TYR B 19 31.02 1.86 43.57
N SER B 20 30.30 2.47 42.61
CA SER B 20 30.64 2.33 41.19
C SER B 20 32.01 2.97 40.87
N MET B 21 32.46 3.91 41.72
CA MET B 21 33.71 4.65 41.56
C MET B 21 34.93 3.91 42.12
N SER B 22 34.70 2.74 42.76
CA SER B 22 35.77 1.91 43.31
C SER B 22 36.61 1.36 42.15
N PRO B 23 37.93 1.15 42.31
CA PRO B 23 38.71 0.53 41.22
C PRO B 23 38.18 -0.87 40.88
N HIS B 24 37.66 -1.60 41.88
CA HIS B 24 37.11 -2.96 41.75
C HIS B 24 35.83 -3.03 40.88
N SER B 25 35.17 -1.90 40.65
CA SER B 25 33.98 -1.76 39.83
C SER B 25 34.34 -1.59 38.34
N TRP B 26 35.63 -1.44 38.03
CA TRP B 26 36.12 -1.27 36.68
C TRP B 26 36.87 -2.53 36.16
N THR B 27 37.41 -3.37 37.05
CA THR B 27 38.09 -4.60 36.63
C THR B 27 37.07 -5.46 35.87
N LEU B 28 37.56 -6.33 35.00
CA LEU B 28 36.71 -7.23 34.22
C LEU B 28 35.99 -8.24 35.11
N PRO B 29 34.73 -8.66 34.78
CA PRO B 29 34.06 -9.70 35.58
C PRO B 29 34.93 -10.96 35.72
N THR B 30 34.90 -11.61 36.90
CA THR B 30 35.62 -12.86 37.18
C THR B 30 35.40 -13.93 36.07
N ASP B 31 34.18 -13.96 35.47
CA ASP B 31 33.84 -14.91 34.42
C ASP B 31 34.11 -14.42 32.99
N TRP B 32 34.93 -13.34 32.83
CA TRP B 32 35.26 -12.73 31.54
C TRP B 32 35.70 -13.72 30.47
N GLN B 33 36.60 -14.67 30.82
CA GLN B 33 37.05 -15.68 29.84
C GLN B 33 35.89 -16.52 29.30
N LYS B 34 35.03 -17.02 30.19
CA LYS B 34 33.86 -17.82 29.86
C LYS B 34 32.83 -16.96 29.07
N MET B 35 32.69 -15.69 29.45
CA MET B 35 31.77 -14.73 28.83
C MET B 35 32.17 -14.39 27.39
N GLN B 36 33.47 -14.37 27.06
CA GLN B 36 33.99 -14.13 25.71
C GLN B 36 33.50 -15.18 24.74
N GLU B 37 33.22 -16.39 25.24
CA GLU B 37 32.73 -17.53 24.47
C GLU B 37 31.21 -17.67 24.56
N THR B 38 30.59 -17.32 25.72
CA THR B 38 29.15 -17.43 25.95
C THR B 38 28.37 -16.40 25.13
N ALA B 39 28.70 -15.11 25.32
CA ALA B 39 28.06 -14.02 24.61
C ALA B 39 29.07 -12.93 24.21
N PRO B 40 29.91 -13.15 23.18
CA PRO B 40 30.87 -12.10 22.77
C PRO B 40 30.20 -10.82 22.24
N SER B 41 28.98 -10.92 21.69
CA SER B 41 28.25 -9.78 21.11
C SER B 41 27.82 -8.72 22.12
N ILE B 42 27.72 -9.05 23.43
CA ILE B 42 27.27 -8.10 24.46
C ILE B 42 28.42 -7.46 25.22
N LEU B 43 29.64 -7.96 25.03
CA LEU B 43 30.82 -7.42 25.73
C LEU B 43 31.25 -6.03 25.22
N ARG B 44 31.71 -5.16 26.14
CA ARG B 44 32.19 -3.80 25.84
C ARG B 44 33.27 -3.38 26.85
N ASN B 45 33.94 -2.23 26.61
CA ASN B 45 35.00 -1.68 27.45
C ASN B 45 36.13 -2.70 27.72
N LYS B 46 36.69 -3.27 26.65
CA LYS B 46 37.70 -4.32 26.69
C LYS B 46 39.10 -3.82 27.06
N ASP B 47 39.36 -2.53 26.84
CA ASP B 47 40.66 -1.95 27.19
C ASP B 47 40.51 -1.22 28.53
N LEU B 48 41.14 -1.76 29.58
CA LEU B 48 41.08 -1.21 30.95
C LEU B 48 41.79 0.12 31.09
N GLN B 49 42.69 0.47 30.14
CA GLN B 49 43.41 1.74 30.17
C GLN B 49 42.49 2.88 29.70
N ASP B 50 41.46 2.55 28.87
CA ASP B 50 40.48 3.49 28.35
C ASP B 50 39.22 3.47 29.22
N GLU B 51 39.11 4.43 30.15
CA GLU B 51 37.99 4.60 31.07
C GLU B 51 36.96 5.63 30.54
N SER B 52 37.08 6.01 29.25
CA SER B 52 36.23 6.99 28.60
C SER B 52 34.76 6.64 28.59
N GLN B 53 34.43 5.33 28.40
CA GLN B 53 33.05 4.86 28.36
C GLN B 53 32.61 4.17 29.66
N ARG B 54 33.41 4.34 30.73
CA ARG B 54 33.13 3.80 32.07
C ARG B 54 31.95 4.56 32.67
N PHE B 55 31.08 3.85 33.41
CA PHE B 55 29.92 4.45 34.07
C PHE B 55 30.41 5.39 35.17
N ASP B 56 29.91 6.62 35.16
CA ASP B 56 30.23 7.66 36.14
C ASP B 56 29.06 7.79 37.12
N GLY B 57 29.24 7.16 38.30
CA GLY B 57 28.28 7.18 39.40
C GLY B 57 28.11 8.53 40.03
N ASP B 58 29.19 9.33 40.06
CA ASP B 58 29.19 10.68 40.64
C ASP B 58 28.30 11.59 39.82
N LYS B 59 28.48 11.57 38.48
CA LYS B 59 27.69 12.34 37.50
C LYS B 59 26.24 11.85 37.52
N TYR B 60 26.03 10.51 37.63
CA TYR B 60 24.68 9.93 37.69
C TYR B 60 23.94 10.37 38.97
N LEU B 61 24.63 10.36 40.12
CA LEU B 61 24.03 10.81 41.38
C LEU B 61 23.67 12.29 41.31
N ALA B 62 24.55 13.12 40.70
CA ALA B 62 24.32 14.55 40.54
C ALA B 62 23.10 14.77 39.65
N SER B 63 22.97 13.97 38.56
CA SER B 63 21.83 14.04 37.61
C SER B 63 20.49 13.77 38.31
N ILE B 64 20.47 12.80 39.25
CA ILE B 64 19.28 12.45 40.04
C ILE B 64 18.89 13.64 40.93
N LYS B 65 19.90 14.24 41.61
CA LYS B 65 19.75 15.39 42.52
C LYS B 65 19.22 16.66 41.84
N THR B 66 19.40 16.78 40.51
CA THR B 66 18.88 17.91 39.73
C THR B 66 17.41 17.66 39.38
N ALA B 67 17.03 16.37 39.20
CA ALA B 67 15.64 15.97 38.97
C ALA B 67 14.85 16.08 40.31
N ALA B 68 15.53 16.59 41.36
CA ALA B 68 15.02 16.83 42.73
C ALA B 68 15.63 18.14 43.27
N HIS C 3 43.43 9.39 9.99
CA HIS C 3 42.13 10.04 9.96
C HIS C 3 40.93 9.12 10.09
N MET C 4 39.97 9.51 10.91
CA MET C 4 38.74 8.79 11.13
C MET C 4 37.56 9.56 10.54
N LYS C 5 36.79 8.86 9.72
CA LYS C 5 35.61 9.36 9.00
C LYS C 5 34.39 9.33 9.90
N HIS C 6 33.29 9.98 9.48
CA HIS C 6 32.06 10.03 10.27
C HIS C 6 31.16 8.88 9.86
N PRO C 7 30.98 7.88 10.77
CA PRO C 7 30.14 6.72 10.43
C PRO C 7 28.64 6.99 10.34
N LEU C 8 28.01 6.45 9.30
CA LEU C 8 26.56 6.57 9.06
C LEU C 8 25.85 5.47 9.85
N MET C 9 24.58 5.68 10.13
CA MET C 9 23.76 4.71 10.86
C MET C 9 23.57 3.44 10.06
N ASN C 10 23.47 3.57 8.72
CA ASN C 10 23.27 2.48 7.77
C ASN C 10 24.31 2.45 6.67
N VAL C 11 24.45 1.30 6.01
CA VAL C 11 25.31 1.11 4.85
C VAL C 11 24.37 1.34 3.67
N TRP C 12 24.79 2.16 2.70
CA TRP C 12 23.94 2.43 1.53
C TRP C 12 24.63 1.94 0.29
N THR C 13 23.85 1.58 -0.72
CA THR C 13 24.35 1.12 -2.02
C THR C 13 23.79 1.99 -3.14
N LEU C 14 24.68 2.45 -4.03
CA LEU C 14 24.27 3.23 -5.19
C LEU C 14 24.11 2.29 -6.36
N TRP C 15 22.98 2.37 -7.07
CA TRP C 15 22.67 1.55 -8.24
C TRP C 15 22.49 2.49 -9.41
N TYR C 16 22.95 2.08 -10.58
CA TYR C 16 22.77 2.85 -11.80
C TYR C 16 22.07 1.96 -12.82
N LEU C 17 20.93 2.43 -13.37
CA LEU C 17 20.17 1.68 -14.38
C LEU C 17 20.37 2.32 -15.72
N GLU C 18 20.82 1.53 -16.68
CA GLU C 18 20.98 1.93 -18.06
C GLU C 18 19.97 1.07 -18.83
N ASN C 19 19.19 1.70 -19.74
CA ASN C 19 18.25 0.99 -20.60
C ASN C 19 19.01 0.58 -21.87
N ASP C 20 19.65 -0.61 -21.85
CA ASP C 20 20.44 -1.12 -22.99
C ASP C 20 20.22 -2.62 -23.22
N ARG C 21 20.04 -3.01 -24.49
CA ARG C 21 19.78 -4.39 -24.88
C ARG C 21 21.03 -5.27 -24.91
N SER C 22 22.21 -4.70 -24.61
CA SER C 22 23.48 -5.42 -24.54
C SER C 22 23.50 -6.27 -23.25
N LYS C 23 22.86 -5.75 -22.17
CA LYS C 23 22.76 -6.42 -20.87
C LYS C 23 21.38 -7.03 -20.68
N SER C 24 21.33 -8.25 -20.11
CA SER C 24 20.08 -8.97 -19.81
C SER C 24 19.30 -8.22 -18.72
N TRP C 25 17.98 -8.43 -18.66
CA TRP C 25 17.10 -7.76 -17.71
C TRP C 25 17.64 -7.77 -16.25
N GLU C 26 18.12 -8.94 -15.77
CA GLU C 26 18.67 -9.12 -14.42
C GLU C 26 19.90 -8.22 -14.23
N ASP C 27 20.75 -8.10 -15.29
CA ASP C 27 22.00 -7.34 -15.27
C ASP C 27 21.87 -5.82 -15.56
N MET C 28 20.67 -5.31 -15.87
CA MET C 28 20.46 -3.88 -16.17
C MET C 28 20.64 -2.94 -14.97
N GLN C 29 20.30 -3.44 -13.78
CA GLN C 29 20.42 -2.70 -12.54
C GLN C 29 21.85 -2.98 -12.04
N ASN C 30 22.75 -1.99 -12.21
CA ASN C 30 24.16 -2.13 -11.83
C ASN C 30 24.47 -1.53 -10.46
N GLU C 31 24.96 -2.37 -9.53
CA GLU C 31 25.39 -2.00 -8.19
C GLU C 31 26.75 -1.32 -8.38
N ILE C 32 26.81 -0.02 -8.08
CA ILE C 32 28.02 0.77 -8.25
C ILE C 32 28.98 0.56 -7.09
N THR C 33 28.57 0.97 -5.86
CA THR C 33 29.37 0.79 -4.65
C THR C 33 28.48 1.00 -3.43
N SER C 34 29.02 0.67 -2.25
CA SER C 34 28.40 0.88 -0.96
C SER C 34 29.30 1.77 -0.14
N PHE C 35 28.70 2.49 0.81
CA PHE C 35 29.48 3.35 1.70
C PHE C 35 28.80 3.35 3.05
N ASP C 36 29.54 3.67 4.09
CA ASP C 36 28.97 3.72 5.41
C ASP C 36 29.51 4.89 6.19
N THR C 37 30.14 5.84 5.49
CA THR C 37 30.62 7.06 6.17
C THR C 37 30.22 8.28 5.36
N VAL C 38 30.19 9.46 6.01
CA VAL C 38 29.80 10.71 5.33
C VAL C 38 30.82 11.06 4.24
N GLU C 39 32.12 11.06 4.59
CA GLU C 39 33.22 11.35 3.67
C GLU C 39 33.23 10.40 2.46
N ASP C 40 32.88 9.10 2.67
CA ASP C 40 32.78 8.12 1.58
C ASP C 40 31.60 8.45 0.70
N PHE C 41 30.52 9.06 1.26
CA PHE C 41 29.40 9.50 0.44
C PHE C 41 29.85 10.63 -0.49
N TRP C 42 30.54 11.67 0.05
CA TRP C 42 31.01 12.81 -0.74
C TRP C 42 32.08 12.42 -1.74
N SER C 43 32.92 11.44 -1.38
CA SER C 43 33.94 10.88 -2.27
C SER C 43 33.24 10.25 -3.50
N LEU C 44 32.11 9.57 -3.28
CA LEU C 44 31.31 9.01 -4.35
C LEU C 44 30.61 10.14 -5.12
N TYR C 45 29.91 11.04 -4.41
CA TYR C 45 29.19 12.14 -5.01
C TYR C 45 30.07 13.03 -5.92
N ASN C 46 31.31 13.31 -5.46
CA ASN C 46 32.28 14.12 -6.19
C ASN C 46 32.86 13.44 -7.42
N HIS C 47 32.67 12.12 -7.58
CA HIS C 47 33.28 11.39 -8.70
C HIS C 47 32.29 10.59 -9.55
N ILE C 48 31.02 10.95 -9.47
CA ILE C 48 29.92 10.41 -10.29
C ILE C 48 29.15 11.60 -10.83
N LYS C 49 28.66 11.47 -12.07
CA LYS C 49 27.88 12.49 -12.76
C LYS C 49 26.53 12.77 -12.06
N PRO C 50 26.13 14.05 -11.89
CA PRO C 50 24.82 14.33 -11.26
C PRO C 50 23.65 13.96 -12.19
N PRO C 51 22.40 13.82 -11.66
CA PRO C 51 21.25 13.49 -12.52
C PRO C 51 21.11 14.26 -13.84
N SER C 52 21.43 15.57 -13.82
CA SER C 52 21.34 16.46 -14.99
C SER C 52 22.35 16.14 -16.11
N GLU C 53 23.39 15.33 -15.81
CA GLU C 53 24.47 14.95 -16.75
C GLU C 53 24.35 13.50 -17.28
N ILE C 54 23.43 12.70 -16.72
CA ILE C 54 23.25 11.30 -17.12
C ILE C 54 22.22 11.15 -18.26
N LYS C 55 22.41 10.09 -19.07
CA LYS C 55 21.57 9.72 -20.23
C LYS C 55 20.08 9.61 -19.91
N LEU C 56 19.20 9.87 -20.89
CA LEU C 56 17.75 9.73 -20.73
C LEU C 56 17.39 8.25 -20.65
N GLY C 57 16.41 7.92 -19.82
CA GLY C 57 15.99 6.55 -19.56
C GLY C 57 16.74 5.88 -18.43
N SER C 58 17.73 6.60 -17.85
CA SER C 58 18.54 6.08 -16.76
C SER C 58 18.01 6.47 -15.39
N ASP C 59 18.31 5.64 -14.37
CA ASP C 59 18.01 5.88 -12.96
C ASP C 59 19.27 5.81 -12.11
N TYR C 60 19.21 6.48 -10.98
CA TYR C 60 20.17 6.37 -9.89
C TYR C 60 19.26 5.95 -8.75
N SER C 61 19.70 4.96 -7.99
CA SER C 61 18.97 4.50 -6.83
C SER C 61 19.89 4.41 -5.63
N LEU C 62 19.45 4.96 -4.47
CA LEU C 62 20.23 4.80 -3.26
C LEU C 62 19.40 4.02 -2.26
N PHE C 63 19.79 2.77 -1.96
CA PHE C 63 19.06 1.88 -1.05
C PHE C 63 19.94 1.38 0.07
N LYS C 64 19.35 1.10 1.27
CA LYS C 64 20.09 0.52 2.39
C LYS C 64 20.65 -0.83 1.91
N LYS C 65 21.83 -1.21 2.40
CA LYS C 65 22.50 -2.46 2.04
C LYS C 65 21.54 -3.66 2.03
N ASN C 66 21.61 -4.45 0.94
CA ASN C 66 20.90 -5.69 0.66
C ASN C 66 19.45 -5.49 0.24
N ILE C 67 19.01 -4.23 -0.02
CA ILE C 67 17.67 -3.94 -0.53
C ILE C 67 17.82 -3.54 -2.01
N ARG C 68 17.25 -4.30 -2.94
CA ARG C 68 17.36 -3.95 -4.36
C ARG C 68 16.31 -2.91 -4.76
N PRO C 69 16.58 -2.04 -5.78
CA PRO C 69 15.59 -0.99 -6.14
C PRO C 69 14.37 -1.48 -6.94
N MET C 70 13.63 -2.47 -6.38
CA MET C 70 12.44 -3.05 -7.00
C MET C 70 11.33 -3.28 -5.95
N TRP C 71 10.10 -2.89 -6.28
CA TRP C 71 8.95 -2.99 -5.35
C TRP C 71 8.75 -4.41 -4.82
N GLU C 72 9.03 -5.40 -5.69
CA GLU C 72 8.88 -6.83 -5.42
C GLU C 72 9.98 -7.39 -4.49
N ASP C 73 11.05 -6.62 -4.18
CA ASP C 73 12.05 -7.04 -3.19
C ASP C 73 11.31 -7.23 -1.86
N ALA C 74 11.70 -8.25 -1.06
CA ALA C 74 11.06 -8.57 0.22
C ALA C 74 11.00 -7.39 1.23
N ALA C 75 12.02 -6.50 1.22
CA ALA C 75 12.04 -5.33 2.11
C ALA C 75 11.12 -4.20 1.63
N ASN C 76 10.68 -4.26 0.35
CA ASN C 76 9.81 -3.25 -0.26
C ASN C 76 8.36 -3.70 -0.52
N LYS C 77 8.07 -5.02 -0.64
CA LYS C 77 6.74 -5.58 -0.97
C LYS C 77 5.55 -4.98 -0.21
N GLN C 78 5.69 -4.78 1.11
CA GLN C 78 4.63 -4.28 1.98
C GLN C 78 4.64 -2.78 2.11
N GLY C 79 5.61 -2.15 1.46
CA GLY C 79 5.84 -0.72 1.54
C GLY C 79 5.09 0.15 0.57
N GLY C 80 5.69 1.30 0.36
CA GLY C 80 5.16 2.30 -0.54
C GLY C 80 6.17 3.37 -0.85
N ARG C 81 5.75 4.37 -1.61
CA ARG C 81 6.69 5.42 -1.99
C ARG C 81 6.07 6.80 -2.09
N TRP C 82 6.84 7.81 -1.70
CA TRP C 82 6.47 9.20 -1.87
C TRP C 82 7.08 9.57 -3.22
N VAL C 83 6.22 9.91 -4.21
CA VAL C 83 6.61 10.22 -5.59
C VAL C 83 6.52 11.73 -5.82
N ILE C 84 7.63 12.30 -6.32
CA ILE C 84 7.81 13.69 -6.69
C ILE C 84 7.95 13.69 -8.21
N THR C 85 6.99 14.30 -8.91
CA THR C 85 7.02 14.43 -10.36
C THR C 85 7.47 15.84 -10.69
N LEU C 86 8.56 15.95 -11.46
CA LEU C 86 9.16 17.24 -11.82
C LEU C 86 8.97 17.63 -13.28
N SER C 89 12.47 20.47 -13.16
CA SER C 89 12.22 21.50 -14.16
C SER C 89 13.54 22.09 -14.69
N SER C 90 14.38 22.64 -13.78
CA SER C 90 15.70 23.21 -14.09
C SER C 90 16.81 22.21 -13.68
N LYS C 91 17.96 22.24 -14.39
CA LYS C 91 19.09 21.34 -14.17
C LYS C 91 19.65 21.47 -12.76
N THR C 92 19.75 22.72 -12.26
CA THR C 92 20.25 23.02 -10.92
C THR C 92 19.30 22.48 -9.84
N ASP C 93 17.99 22.81 -9.94
CA ASP C 93 16.98 22.37 -8.97
C ASP C 93 16.82 20.85 -8.92
N LEU C 94 16.96 20.17 -10.08
CA LEU C 94 16.84 18.72 -10.15
C LEU C 94 17.98 18.06 -9.35
N ASP C 95 19.23 18.53 -9.57
CA ASP C 95 20.41 18.00 -8.88
C ASP C 95 20.33 18.26 -7.39
N ASN C 96 19.91 19.48 -6.99
CA ASN C 96 19.76 19.91 -5.60
C ASN C 96 18.71 19.07 -4.92
N LEU C 97 17.58 18.78 -5.61
CA LEU C 97 16.52 17.97 -5.03
C LEU C 97 16.99 16.56 -4.78
N TRP C 98 17.69 15.97 -5.75
CA TRP C 98 18.23 14.63 -5.57
C TRP C 98 19.25 14.64 -4.41
N LEU C 99 20.18 15.62 -4.37
CA LEU C 99 21.14 15.69 -3.27
C LEU C 99 20.44 15.87 -1.90
N ASP C 100 19.42 16.74 -1.83
CA ASP C 100 18.68 16.99 -0.58
C ASP C 100 18.00 15.72 -0.09
N VAL C 101 17.51 14.88 -1.02
CA VAL C 101 16.89 13.59 -0.70
C VAL C 101 17.96 12.66 -0.11
N LEU C 102 19.14 12.57 -0.75
CA LEU C 102 20.29 11.75 -0.34
C LEU C 102 20.78 12.09 1.06
N LEU C 103 20.79 13.39 1.40
CA LEU C 103 21.20 13.93 2.70
C LEU C 103 20.22 13.57 3.79
N CYS C 104 18.90 13.65 3.51
CA CYS C 104 17.83 13.21 4.40
C CYS C 104 18.03 11.72 4.72
N LEU C 105 18.33 10.94 3.68
CA LEU C 105 18.52 9.51 3.80
C LEU C 105 19.70 9.15 4.71
N ILE C 106 20.92 9.57 4.32
CA ILE C 106 22.17 9.17 4.99
C ILE C 106 22.30 9.80 6.38
N GLY C 107 21.74 11.00 6.54
CA GLY C 107 21.72 11.74 7.81
C GLY C 107 20.71 11.20 8.81
N GLU C 108 19.75 10.36 8.36
CA GLU C 108 18.66 9.75 9.17
C GLU C 108 17.80 10.88 9.78
N ALA C 109 17.37 11.79 8.91
CA ALA C 109 16.61 12.99 9.29
C ALA C 109 15.15 12.74 9.78
N PHE C 110 14.64 11.52 9.62
CA PHE C 110 13.27 11.21 10.02
C PHE C 110 13.21 10.50 11.36
N ASP C 111 12.09 10.66 12.09
CA ASP C 111 11.84 9.95 13.34
C ASP C 111 11.68 8.47 13.04
N HIS C 112 11.06 8.15 11.87
CA HIS C 112 10.84 6.77 11.44
C HIS C 112 11.81 6.41 10.33
N SER C 113 13.11 6.75 10.55
CA SER C 113 14.19 6.52 9.61
C SER C 113 14.40 5.08 9.32
N ASP C 114 14.07 4.23 10.31
CA ASP C 114 14.11 2.80 10.14
C ASP C 114 13.04 2.31 9.15
N GLN C 115 12.04 3.18 8.81
CA GLN C 115 11.02 2.83 7.81
C GLN C 115 11.50 3.15 6.41
N ILE C 116 12.65 3.86 6.26
CA ILE C 116 13.21 4.22 4.96
C ILE C 116 13.91 3.02 4.37
N CYS C 117 13.71 2.80 3.08
CA CYS C 117 14.34 1.72 2.32
C CYS C 117 15.29 2.33 1.32
N GLY C 118 14.88 3.48 0.72
CA GLY C 118 15.72 4.16 -0.24
C GLY C 118 14.97 5.15 -1.09
N ALA C 119 15.64 5.62 -2.13
CA ALA C 119 15.13 6.59 -3.08
C ALA C 119 15.61 6.26 -4.49
N VAL C 120 14.84 6.66 -5.51
CA VAL C 120 15.11 6.42 -6.95
C VAL C 120 14.90 7.74 -7.69
N ILE C 121 15.85 8.09 -8.59
CA ILE C 121 15.67 9.21 -9.49
C ILE C 121 15.54 8.67 -10.93
N ASN C 122 14.45 9.06 -11.63
CA ASN C 122 14.13 8.67 -13.00
C ASN C 122 14.39 9.86 -13.90
N ILE C 123 15.34 9.73 -14.83
CA ILE C 123 15.68 10.82 -15.76
C ILE C 123 15.01 10.55 -17.10
N ARG C 124 13.95 11.33 -17.41
CA ARG C 124 13.15 11.23 -18.64
C ARG C 124 12.99 12.61 -19.28
N SER C 127 9.40 14.08 -18.42
CA SER C 127 9.21 14.38 -17.00
C SER C 127 10.10 13.51 -16.10
N ASN C 128 10.86 14.16 -15.18
CA ASN C 128 11.72 13.46 -14.21
C ASN C 128 10.95 13.12 -12.93
N LYS C 129 11.33 12.02 -12.26
CA LYS C 129 10.68 11.60 -11.01
C LYS C 129 11.71 11.28 -9.92
N ILE C 130 11.41 11.65 -8.68
CA ILE C 130 12.19 11.33 -7.49
C ILE C 130 11.22 10.63 -6.52
N SER C 131 11.54 9.40 -6.16
CA SER C 131 10.68 8.58 -5.29
C SER C 131 11.43 8.26 -4.02
N ILE C 132 10.76 8.25 -2.84
CA ILE C 132 11.34 7.88 -1.53
C ILE C 132 10.51 6.69 -1.04
N TRP C 133 11.15 5.54 -0.96
CA TRP C 133 10.51 4.30 -0.58
C TRP C 133 10.57 4.06 0.90
N THR C 134 9.51 3.48 1.37
CA THR C 134 9.20 3.18 2.76
C THR C 134 8.85 1.73 2.91
N ALA C 135 9.13 1.12 4.07
CA ALA C 135 8.94 -0.34 4.30
C ALA C 135 7.51 -0.81 4.57
N ASP C 136 6.66 0.00 5.22
CA ASP C 136 5.31 -0.43 5.55
C ASP C 136 4.26 0.61 5.10
N GLY C 137 3.49 0.29 4.06
CA GLY C 137 2.53 1.22 3.49
C GLY C 137 1.35 1.53 4.39
N ASN C 138 1.07 0.61 5.34
CA ASN C 138 -0.05 0.74 6.27
C ASN C 138 0.33 1.48 7.53
N ASN C 139 1.63 1.74 7.73
CA ASN C 139 2.14 2.52 8.87
C ASN C 139 1.97 3.99 8.52
N GLU C 140 0.74 4.52 8.71
CA GLU C 140 0.36 5.90 8.43
C GLU C 140 1.26 6.92 9.16
N GLU C 141 1.50 6.73 10.47
CA GLU C 141 2.36 7.59 11.28
C GLU C 141 3.72 7.79 10.61
N ALA C 142 4.39 6.69 10.21
CA ALA C 142 5.70 6.82 9.54
C ALA C 142 5.58 7.46 8.15
N ALA C 143 4.62 6.99 7.34
CA ALA C 143 4.46 7.52 5.98
C ALA C 143 4.23 9.05 6.01
N LEU C 144 3.36 9.53 6.93
CA LEU C 144 3.04 10.96 7.07
C LEU C 144 4.18 11.77 7.63
N GLU C 145 4.86 11.28 8.69
CA GLU C 145 6.02 11.97 9.27
C GLU C 145 7.14 12.11 8.23
N ILE C 146 7.32 11.07 7.37
CA ILE C 146 8.36 11.10 6.33
C ILE C 146 7.92 12.12 5.25
N GLY C 147 6.66 12.05 4.84
CA GLY C 147 6.09 12.90 3.81
C GLY C 147 6.07 14.36 4.17
N HIS C 148 5.79 14.66 5.45
CA HIS C 148 5.82 16.02 5.97
C HIS C 148 7.28 16.54 6.01
N LYS C 149 8.24 15.70 6.44
CA LYS C 149 9.66 16.08 6.52
C LYS C 149 10.21 16.38 5.12
N LEU C 150 9.88 15.58 4.08
CA LEU C 150 10.27 15.78 2.67
C LEU C 150 9.74 17.11 2.12
N ARG C 151 8.52 17.48 2.50
CA ARG C 151 7.85 18.70 2.05
C ARG C 151 8.54 19.96 2.61
N ASP C 152 9.17 19.83 3.80
CA ASP C 152 9.84 20.91 4.51
C ASP C 152 11.39 20.91 4.36
N ALA C 153 11.98 19.80 3.92
CA ALA C 153 13.44 19.66 3.77
C ALA C 153 13.93 19.92 2.36
N LEU C 154 13.13 19.55 1.36
CA LEU C 154 13.46 19.70 -0.06
C LEU C 154 13.05 21.09 -0.48
N ARG C 155 12.32 21.79 0.41
CA ARG C 155 11.77 23.15 0.24
C ARG C 155 11.07 23.28 -1.13
N LEU C 156 10.61 22.14 -1.66
CA LEU C 156 9.93 21.92 -2.93
C LEU C 156 8.83 22.96 -3.23
N GLY C 157 8.75 23.37 -4.49
CA GLY C 157 7.75 24.33 -4.97
C GLY C 157 6.36 23.78 -4.78
N ARG C 158 5.40 24.65 -4.40
CA ARG C 158 4.00 24.26 -4.16
C ARG C 158 3.31 23.63 -5.39
N ASN C 159 3.80 23.94 -6.61
CA ASN C 159 3.27 23.38 -7.87
C ASN C 159 3.56 21.87 -7.96
N ASN C 160 4.71 21.43 -7.41
CA ASN C 160 5.09 20.02 -7.39
C ASN C 160 4.39 19.30 -6.24
N SER C 161 3.76 18.17 -6.58
CA SER C 161 3.03 17.33 -5.64
C SER C 161 3.90 16.22 -5.04
N LEU C 162 3.56 15.85 -3.80
CA LEU C 162 4.16 14.80 -3.01
C LEU C 162 3.04 13.76 -2.81
N GLN C 163 3.06 12.68 -3.63
CA GLN C 163 2.03 11.63 -3.62
C GLN C 163 2.54 10.29 -3.13
N TYR C 164 1.81 9.66 -2.20
CA TYR C 164 2.22 8.38 -1.64
C TYR C 164 1.45 7.24 -2.24
N GLN C 165 2.19 6.24 -2.78
CA GLN C 165 1.58 5.07 -3.44
C GLN C 165 2.03 3.80 -2.79
N LEU C 166 1.07 2.89 -2.53
CA LEU C 166 1.37 1.56 -1.99
C LEU C 166 2.03 0.70 -3.07
N HIS C 167 3.01 -0.16 -2.71
CA HIS C 167 3.66 -1.06 -3.67
C HIS C 167 2.76 -2.16 -4.20
N LYS C 168 1.64 -2.45 -3.50
CA LYS C 168 0.63 -3.41 -3.93
C LYS C 168 -0.19 -2.72 -5.03
N ASP C 169 -0.24 -1.37 -5.03
CA ASP C 169 -0.97 -0.59 -6.02
C ASP C 169 -0.19 -0.35 -7.32
N THR C 170 1.11 0.03 -7.22
CA THR C 170 2.01 0.21 -8.38
C THR C 170 2.04 -1.11 -9.21
N MET C 171 1.93 -2.26 -8.52
CA MET C 171 1.88 -3.66 -9.00
C MET C 171 0.77 -3.89 -10.03
N VAL C 172 -0.36 -3.19 -9.91
CA VAL C 172 -1.53 -3.31 -10.81
C VAL C 172 -1.49 -2.22 -11.93
N LYS C 173 -1.03 -0.98 -11.61
CA LYS C 173 -0.89 0.12 -12.57
C LYS C 173 0.35 0.97 -12.26
N VAL C 178 -1.18 5.76 -11.69
CA VAL C 178 -1.02 4.92 -10.51
C VAL C 178 -1.92 5.43 -9.39
N LYS C 179 -2.49 4.51 -8.57
CA LYS C 179 -3.34 4.87 -7.43
C LYS C 179 -2.50 5.39 -6.26
N SER C 180 -2.88 6.55 -5.69
CA SER C 180 -2.20 7.19 -4.56
C SER C 180 -3.13 7.20 -3.35
N ILE C 181 -2.58 6.99 -2.13
CA ILE C 181 -3.38 6.99 -0.91
C ILE C 181 -3.18 8.27 -0.08
N TYR C 182 -2.08 9.02 -0.33
CA TYR C 182 -1.84 10.32 0.33
C TYR C 182 -1.34 11.33 -0.67
N THR C 183 -1.74 12.60 -0.49
CA THR C 183 -1.28 13.75 -1.28
C THR C 183 -0.93 14.85 -0.30
N LEU C 184 0.30 15.36 -0.43
CA LEU C 184 0.88 16.41 0.37
C LEU C 184 1.46 17.49 -0.56
N SER D 7 28.97 5.44 18.37
CA SER D 7 29.74 5.50 17.13
C SER D 7 28.83 5.98 15.99
N ARG D 8 27.78 5.19 15.66
CA ARG D 8 26.80 5.47 14.60
C ARG D 8 25.69 6.45 15.08
N VAL D 9 25.70 7.67 14.51
CA VAL D 9 24.78 8.76 14.87
C VAL D 9 24.08 9.29 13.62
N SER D 10 23.03 10.09 13.79
CA SER D 10 22.32 10.81 12.71
C SER D 10 23.06 12.14 12.47
N TYR D 11 22.85 12.80 11.31
CA TYR D 11 23.49 14.10 11.02
C TYR D 11 22.54 15.04 10.35
N ASP D 12 22.48 16.30 10.84
CA ASP D 12 21.68 17.34 10.18
C ASP D 12 22.44 17.81 8.93
N ILE D 13 21.75 18.57 8.06
CA ILE D 13 22.33 19.06 6.81
C ILE D 13 23.61 19.91 7.05
N GLU D 14 23.65 20.69 8.14
CA GLU D 14 24.82 21.53 8.46
C GLU D 14 26.09 20.68 8.62
N HIS D 15 26.00 19.61 9.41
CA HIS D 15 27.12 18.70 9.62
C HIS D 15 27.51 17.96 8.36
N LEU D 16 26.50 17.51 7.56
CA LEU D 16 26.75 16.79 6.32
C LEU D 16 27.48 17.63 5.31
N LEU D 17 27.09 18.90 5.19
CA LEU D 17 27.72 19.86 4.28
C LEU D 17 29.08 20.29 4.78
N TYR D 18 29.27 20.42 6.10
CA TYR D 18 30.59 20.78 6.62
C TYR D 18 31.59 19.66 6.26
N TYR D 19 31.21 18.38 6.48
CA TYR D 19 32.09 17.24 6.18
C TYR D 19 32.44 17.09 4.68
N SER D 20 31.68 17.73 3.77
CA SER D 20 32.01 17.69 2.35
C SER D 20 33.32 18.41 2.05
N MET D 21 33.74 19.35 2.93
CA MET D 21 34.95 20.16 2.81
C MET D 21 36.20 19.47 3.32
N SER D 22 36.05 18.28 3.92
CA SER D 22 37.19 17.50 4.41
C SER D 22 38.02 17.04 3.20
N PRO D 23 39.38 16.92 3.33
CA PRO D 23 40.16 16.40 2.20
C PRO D 23 39.71 14.99 1.80
N HIS D 24 39.25 14.20 2.77
CA HIS D 24 38.80 12.81 2.58
C HIS D 24 37.53 12.69 1.75
N SER D 25 36.78 13.79 1.59
CA SER D 25 35.57 13.87 0.79
C SER D 25 35.86 14.12 -0.69
N TRP D 26 37.11 14.40 -1.02
CA TRP D 26 37.56 14.65 -2.39
C TRP D 26 38.35 13.45 -3.00
N THR D 27 38.97 12.59 -2.16
CA THR D 27 39.73 11.44 -2.64
C THR D 27 38.81 10.50 -3.40
N LEU D 28 39.39 9.69 -4.31
CA LEU D 28 38.60 8.75 -5.12
C LEU D 28 37.95 7.66 -4.25
N PRO D 29 36.75 7.16 -4.62
CA PRO D 29 36.14 6.10 -3.80
C PRO D 29 37.06 4.88 -3.69
N THR D 30 37.07 4.21 -2.52
CA THR D 30 37.85 2.98 -2.25
C THR D 30 37.64 1.92 -3.37
N ASP D 31 36.42 1.87 -3.95
CA ASP D 31 36.05 0.95 -5.04
C ASP D 31 36.29 1.53 -6.45
N TRP D 32 37.14 2.60 -6.59
CA TRP D 32 37.44 3.26 -7.86
C TRP D 32 37.95 2.31 -8.96
N GLN D 33 38.82 1.34 -8.61
CA GLN D 33 39.32 0.38 -9.58
C GLN D 33 38.18 -0.47 -10.16
N LYS D 34 37.29 -1.00 -9.27
CA LYS D 34 36.14 -1.83 -9.62
C LYS D 34 35.13 -1.01 -10.43
N MET D 35 34.92 0.27 -10.05
CA MET D 35 33.97 1.18 -10.71
C MET D 35 34.38 1.53 -12.15
N GLN D 36 35.69 1.57 -12.41
CA GLN D 36 36.21 1.87 -13.76
C GLN D 36 35.76 0.79 -14.75
N GLU D 37 35.53 -0.44 -14.25
CA GLU D 37 35.09 -1.59 -15.04
C GLU D 37 33.58 -1.80 -14.98
N THR D 38 32.94 -1.52 -13.82
CA THR D 38 31.50 -1.69 -13.61
C THR D 38 30.69 -0.66 -14.40
N ALA D 39 30.96 0.63 -14.17
CA ALA D 39 30.27 1.72 -14.85
C ALA D 39 31.22 2.89 -15.18
N PRO D 40 32.08 2.74 -16.21
CA PRO D 40 32.98 3.86 -16.58
C PRO D 40 32.25 5.12 -17.07
N SER D 41 31.05 4.98 -17.65
CA SER D 41 30.27 6.10 -18.20
C SER D 41 29.75 7.11 -17.16
N ILE D 42 29.64 6.72 -15.87
CA ILE D 42 29.14 7.62 -14.83
C ILE D 42 30.26 8.32 -14.05
N LEU D 43 31.51 7.87 -14.20
CA LEU D 43 32.65 8.45 -13.49
C LEU D 43 33.01 9.89 -13.96
N ARG D 44 33.41 10.75 -13.01
CA ARG D 44 33.84 12.14 -13.27
C ARG D 44 34.95 12.57 -12.31
N ASN D 45 35.56 13.77 -12.54
CA ASN D 45 36.65 14.38 -11.75
C ASN D 45 37.82 13.39 -11.50
N LYS D 46 38.38 12.87 -12.59
CA LYS D 46 39.47 11.89 -12.56
C LYS D 46 40.81 12.51 -12.15
N ASP D 47 40.97 13.83 -12.35
CA ASP D 47 42.17 14.52 -11.97
C ASP D 47 41.92 15.20 -10.62
N LEU D 48 42.53 14.65 -9.56
CA LEU D 48 42.40 15.15 -8.19
C LEU D 48 43.08 16.51 -7.97
N GLN D 49 43.96 16.93 -8.90
CA GLN D 49 44.63 18.23 -8.82
C GLN D 49 43.65 19.34 -9.24
N ASP D 50 42.66 18.99 -10.09
CA ASP D 50 41.62 19.90 -10.57
C ASP D 50 40.35 19.77 -9.69
N GLU D 51 40.20 20.68 -8.72
CA GLU D 51 39.08 20.75 -7.76
C GLU D 51 38.02 21.76 -8.23
N SER D 52 38.09 22.19 -9.51
CA SER D 52 37.17 23.15 -10.11
C SER D 52 35.71 22.69 -10.13
N GLN D 53 35.47 21.39 -10.37
CA GLN D 53 34.12 20.85 -10.39
C GLN D 53 33.77 20.08 -9.10
N ARG D 54 34.55 20.29 -8.04
CA ARG D 54 34.31 19.72 -6.71
C ARG D 54 33.09 20.39 -6.07
N PHE D 55 32.28 19.59 -5.35
CA PHE D 55 31.11 20.10 -4.63
C PHE D 55 31.57 21.03 -3.49
N ASP D 56 31.00 22.23 -3.43
CA ASP D 56 31.25 23.23 -2.41
C ASP D 56 30.08 23.25 -1.41
N GLY D 57 30.31 22.59 -0.27
CA GLY D 57 29.35 22.49 0.83
C GLY D 57 29.10 23.81 1.53
N ASP D 58 30.14 24.67 1.62
CA ASP D 58 30.05 25.99 2.26
C ASP D 58 29.10 26.88 1.48
N LYS D 59 29.29 26.94 0.15
CA LYS D 59 28.46 27.70 -0.78
C LYS D 59 27.03 27.13 -0.78
N TYR D 60 26.90 25.79 -0.76
CA TYR D 60 25.60 25.11 -0.72
C TYR D 60 24.84 25.45 0.57
N LEU D 61 25.52 25.43 1.73
CA LEU D 61 24.90 25.77 3.01
C LEU D 61 24.44 27.22 3.00
N ALA D 62 25.25 28.15 2.43
CA ALA D 62 24.90 29.55 2.33
C ALA D 62 23.65 29.71 1.46
N SER D 63 23.58 28.98 0.33
CA SER D 63 22.44 29.00 -0.60
C SER D 63 21.13 28.58 0.07
N ILE D 64 21.18 27.57 0.96
CA ILE D 64 20.03 27.09 1.74
C ILE D 64 19.55 28.20 2.68
N LYS D 65 20.51 28.85 3.39
CA LYS D 65 20.28 29.94 4.35
C LYS D 65 19.62 31.17 3.73
N THR D 66 19.77 31.37 2.41
CA THR D 66 19.13 32.47 1.69
C THR D 66 17.64 32.09 1.40
N ALA D 67 17.29 30.78 1.62
CA ALA D 67 15.97 30.14 1.50
C ALA D 67 15.26 30.38 0.17
N HIS E 3 -5.94 11.36 3.02
CA HIS E 3 -5.98 9.96 2.62
C HIS E 3 -7.09 9.61 1.64
N MET E 4 -6.74 8.83 0.62
CA MET E 4 -7.67 8.35 -0.38
C MET E 4 -7.85 6.85 -0.24
N LYS E 5 -9.11 6.43 -0.19
CA LYS E 5 -9.54 5.04 -0.04
C LYS E 5 -9.56 4.34 -1.38
N HIS E 6 -9.69 3.01 -1.39
CA HIS E 6 -9.74 2.24 -2.63
C HIS E 6 -11.17 2.08 -3.11
N PRO E 7 -11.55 2.78 -4.22
CA PRO E 7 -12.94 2.69 -4.70
C PRO E 7 -13.39 1.35 -5.29
N LEU E 8 -14.57 0.90 -4.87
CA LEU E 8 -15.18 -0.35 -5.37
C LEU E 8 -15.91 -0.06 -6.69
N MET E 9 -16.11 -1.07 -7.50
CA MET E 9 -16.80 -0.93 -8.78
C MET E 9 -18.26 -0.56 -8.58
N ASN E 10 -18.88 -1.07 -7.50
CA ASN E 10 -20.28 -0.85 -7.14
C ASN E 10 -20.44 -0.35 -5.72
N VAL E 11 -21.59 0.24 -5.44
CA VAL E 11 -22.01 0.70 -4.11
C VAL E 11 -22.81 -0.50 -3.58
N TRP E 12 -22.51 -0.96 -2.37
CA TRP E 12 -23.22 -2.09 -1.78
C TRP E 12 -23.95 -1.59 -0.57
N THR E 13 -25.01 -2.29 -0.19
CA THR E 13 -25.83 -1.97 0.97
C THR E 13 -25.95 -3.21 1.86
N LEU E 14 -25.71 -3.02 3.17
CA LEU E 14 -25.84 -4.11 4.13
C LEU E 14 -27.24 -4.00 4.75
N TRP E 15 -27.97 -5.14 4.78
CA TRP E 15 -29.31 -5.23 5.34
C TRP E 15 -29.24 -6.22 6.48
N TYR E 16 -29.97 -5.94 7.56
CA TYR E 16 -30.07 -6.84 8.69
C TYR E 16 -31.55 -7.17 8.92
N LEU E 17 -31.86 -8.47 9.07
CA LEU E 17 -33.22 -8.94 9.28
C LEU E 17 -33.42 -9.64 10.61
N GLU E 18 -34.26 -9.06 11.48
CA GLU E 18 -34.66 -9.65 12.74
C GLU E 18 -36.12 -10.08 12.55
N ASN E 19 -36.67 -10.93 13.45
CA ASN E 19 -38.07 -11.35 13.43
C ASN E 19 -38.81 -10.87 14.71
N ASP E 20 -39.16 -9.58 14.74
CA ASP E 20 -39.87 -8.94 15.87
C ASP E 20 -41.25 -8.47 15.45
N ARG E 21 -42.27 -8.89 16.19
CA ARG E 21 -43.67 -8.57 15.92
C ARG E 21 -44.02 -7.07 16.09
N SER E 22 -43.13 -6.30 16.74
CA SER E 22 -43.30 -4.85 16.95
C SER E 22 -43.12 -4.07 15.63
N LYS E 23 -42.42 -4.67 14.66
CA LYS E 23 -42.14 -4.06 13.35
C LYS E 23 -43.05 -4.61 12.27
N SER E 24 -43.50 -3.74 11.35
CA SER E 24 -44.33 -4.12 10.20
C SER E 24 -43.46 -4.93 9.22
N TRP E 25 -44.10 -5.80 8.44
CA TRP E 25 -43.43 -6.69 7.50
C TRP E 25 -42.41 -5.97 6.59
N GLU E 26 -42.79 -4.84 5.95
CA GLU E 26 -41.89 -4.08 5.06
C GLU E 26 -40.70 -3.47 5.81
N ASP E 27 -40.89 -3.18 7.11
CA ASP E 27 -39.90 -2.55 7.99
C ASP E 27 -38.92 -3.55 8.67
N MET E 28 -39.23 -4.87 8.65
CA MET E 28 -38.39 -5.94 9.24
C MET E 28 -36.99 -6.05 8.59
N GLN E 29 -36.91 -5.70 7.30
CA GLN E 29 -35.67 -5.70 6.55
C GLN E 29 -35.04 -4.31 6.77
N ASN E 30 -34.02 -4.23 7.64
CA ASN E 30 -33.37 -2.95 7.98
C ASN E 30 -32.10 -2.67 7.20
N GLU E 31 -32.09 -1.57 6.44
CA GLU E 31 -30.94 -1.07 5.68
C GLU E 31 -29.99 -0.46 6.70
N ILE E 32 -28.82 -1.08 6.85
CA ILE E 32 -27.82 -0.65 7.83
C ILE E 32 -27.03 0.55 7.31
N THR E 33 -26.24 0.35 6.23
CA THR E 33 -25.45 1.41 5.59
C THR E 33 -25.03 0.94 4.19
N SER E 34 -24.55 1.87 3.36
CA SER E 34 -23.99 1.60 2.04
C SER E 34 -22.52 1.99 2.10
N PHE E 35 -21.68 1.30 1.32
CA PHE E 35 -20.26 1.64 1.22
C PHE E 35 -19.84 1.52 -0.23
N ASP E 36 -18.78 2.22 -0.62
CA ASP E 36 -18.28 2.16 -1.98
C ASP E 36 -16.75 2.13 -2.02
N THR E 37 -16.11 1.92 -0.86
CA THR E 37 -14.66 1.80 -0.80
C THR E 37 -14.30 0.50 -0.05
N VAL E 38 -13.05 0.04 -0.22
CA VAL E 38 -12.57 -1.18 0.43
C VAL E 38 -12.45 -0.94 1.95
N GLU E 39 -11.81 0.18 2.33
CA GLU E 39 -11.65 0.60 3.72
C GLU E 39 -12.99 0.81 4.44
N ASP E 40 -14.02 1.34 3.71
CA ASP E 40 -15.35 1.52 4.28
C ASP E 40 -16.02 0.18 4.51
N PHE E 41 -15.67 -0.85 3.69
CA PHE E 41 -16.19 -2.21 3.91
C PHE E 41 -15.63 -2.76 5.21
N TRP E 42 -14.28 -2.67 5.40
CA TRP E 42 -13.61 -3.18 6.60
C TRP E 42 -14.01 -2.42 7.85
N SER E 43 -14.26 -1.10 7.71
CA SER E 43 -14.73 -0.24 8.79
C SER E 43 -16.11 -0.77 9.27
N LEU E 44 -16.97 -1.20 8.32
CA LEU E 44 -18.25 -1.79 8.64
C LEU E 44 -18.04 -3.19 9.24
N TYR E 45 -17.26 -4.04 8.56
CA TYR E 45 -16.97 -5.40 8.99
C TYR E 45 -16.40 -5.47 10.42
N ASN E 46 -15.46 -4.57 10.75
CA ASN E 46 -14.83 -4.49 12.06
C ASN E 46 -15.74 -3.99 13.17
N HIS E 47 -16.93 -3.43 12.85
CA HIS E 47 -17.80 -2.85 13.86
C HIS E 47 -19.23 -3.40 13.86
N ILE E 48 -19.44 -4.55 13.23
CA ILE E 48 -20.69 -5.30 13.20
C ILE E 48 -20.35 -6.73 13.57
N LYS E 49 -21.28 -7.38 14.30
CA LYS E 49 -21.15 -8.75 14.78
C LYS E 49 -21.09 -9.75 13.63
N PRO E 50 -20.19 -10.76 13.67
CA PRO E 50 -20.17 -11.76 12.59
C PRO E 50 -21.41 -12.69 12.64
N PRO E 51 -21.73 -13.41 11.52
CA PRO E 51 -22.89 -14.33 11.53
C PRO E 51 -23.06 -15.24 12.76
N SER E 52 -21.94 -15.75 13.30
CA SER E 52 -21.93 -16.65 14.46
C SER E 52 -22.35 -15.98 15.79
N GLU E 53 -22.40 -14.63 15.83
CA GLU E 53 -22.77 -13.84 17.01
C GLU E 53 -24.18 -13.22 16.94
N ILE E 54 -24.85 -13.32 15.80
CA ILE E 54 -26.18 -12.76 15.61
C ILE E 54 -27.30 -13.77 15.97
N LYS E 55 -28.45 -13.25 16.44
CA LYS E 55 -29.64 -14.00 16.87
C LYS E 55 -30.15 -14.99 15.81
N LEU E 56 -30.79 -16.10 16.24
CA LEU E 56 -31.38 -17.09 15.32
C LEU E 56 -32.61 -16.48 14.68
N GLY E 57 -32.87 -16.85 13.42
CA GLY E 57 -33.95 -16.27 12.63
C GLY E 57 -33.54 -14.92 12.07
N SER E 58 -32.24 -14.66 12.03
CA SER E 58 -31.68 -13.40 11.52
C SER E 58 -30.93 -13.61 10.22
N ASP E 59 -30.90 -12.55 9.39
CA ASP E 59 -30.15 -12.52 8.13
C ASP E 59 -29.29 -11.29 8.01
N TYR E 60 -28.19 -11.45 7.29
CA TYR E 60 -27.37 -10.35 6.83
C TYR E 60 -27.51 -10.51 5.33
N SER E 61 -27.72 -9.40 4.62
CA SER E 61 -27.80 -9.39 3.17
C SER E 61 -26.91 -8.31 2.63
N LEU E 62 -26.09 -8.64 1.61
CA LEU E 62 -25.28 -7.61 0.98
C LEU E 62 -25.71 -7.53 -0.45
N PHE E 63 -26.36 -6.42 -0.86
CA PHE E 63 -26.86 -6.21 -2.22
C PHE E 63 -26.33 -4.94 -2.85
N LYS E 64 -26.23 -4.90 -4.20
CA LYS E 64 -25.80 -3.70 -4.94
C LYS E 64 -26.85 -2.61 -4.67
N LYS E 65 -26.41 -1.35 -4.56
CA LYS E 65 -27.29 -0.21 -4.29
C LYS E 65 -28.59 -0.26 -5.09
N ASN E 66 -29.71 -0.06 -4.37
CA ASN E 66 -31.10 0.03 -4.82
C ASN E 66 -31.72 -1.31 -5.17
N ILE E 67 -31.08 -2.45 -4.83
CA ILE E 67 -31.63 -3.79 -5.00
C ILE E 67 -31.99 -4.33 -3.61
N ARG E 68 -33.27 -4.57 -3.33
CA ARG E 68 -33.67 -5.10 -2.03
C ARG E 68 -33.48 -6.62 -1.95
N PRO E 69 -33.24 -7.19 -0.74
CA PRO E 69 -33.01 -8.65 -0.66
C PRO E 69 -34.27 -9.53 -0.76
N MET E 70 -35.04 -9.36 -1.86
CA MET E 70 -36.26 -10.13 -2.12
C MET E 70 -36.35 -10.57 -3.60
N TRP E 71 -36.69 -11.85 -3.84
CA TRP E 71 -36.73 -12.40 -5.21
C TRP E 71 -37.67 -11.59 -6.11
N GLU E 72 -38.71 -10.98 -5.49
CA GLU E 72 -39.73 -10.15 -6.16
C GLU E 72 -39.24 -8.81 -6.60
N ASP E 73 -38.08 -8.34 -6.11
CA ASP E 73 -37.50 -7.07 -6.55
C ASP E 73 -37.29 -7.17 -8.07
N ALA E 74 -37.50 -6.07 -8.81
CA ALA E 74 -37.36 -6.06 -10.28
C ALA E 74 -35.97 -6.51 -10.80
N ALA E 75 -34.90 -6.23 -10.03
CA ALA E 75 -33.55 -6.62 -10.41
C ALA E 75 -33.27 -8.10 -10.14
N ASN E 76 -34.15 -8.77 -9.34
CA ASN E 76 -34.04 -10.21 -9.00
C ASN E 76 -35.09 -11.13 -9.64
N LYS E 77 -36.28 -10.63 -10.06
CA LYS E 77 -37.41 -11.41 -10.60
C LYS E 77 -37.03 -12.48 -11.64
N GLN E 78 -36.16 -12.12 -12.60
CA GLN E 78 -35.76 -12.99 -13.71
C GLN E 78 -34.50 -13.78 -13.39
N GLY E 79 -33.97 -13.58 -12.20
CA GLY E 79 -32.72 -14.19 -11.76
C GLY E 79 -32.83 -15.55 -11.09
N GLY E 80 -31.83 -15.82 -10.29
CA GLY E 80 -31.73 -17.03 -9.50
C GLY E 80 -30.65 -16.93 -8.46
N ARG E 81 -30.40 -18.04 -7.76
CA ARG E 81 -29.41 -18.03 -6.67
C ARG E 81 -28.64 -19.34 -6.52
N TRP E 82 -27.37 -19.21 -6.16
CA TRP E 82 -26.52 -20.34 -5.83
C TRP E 82 -26.67 -20.46 -4.30
N VAL E 83 -27.23 -21.60 -3.83
CA VAL E 83 -27.55 -21.87 -2.42
C VAL E 83 -26.56 -22.85 -1.84
N ILE E 84 -25.93 -22.46 -0.72
CA ILE E 84 -24.98 -23.24 0.07
C ILE E 84 -25.68 -23.56 1.38
N THR E 85 -25.94 -24.84 1.63
CA THR E 85 -26.57 -25.27 2.87
C THR E 85 -25.48 -25.81 3.79
N LEU E 86 -25.31 -25.20 4.99
CA LEU E 86 -24.31 -25.55 6.01
C LEU E 86 -24.95 -25.83 7.37
N ASN E 87 -24.87 -27.07 7.87
CA ASN E 87 -25.42 -27.40 9.18
C ASN E 87 -24.35 -27.67 10.25
N LYS E 88 -23.47 -28.66 10.00
CA LYS E 88 -22.42 -29.06 10.94
C LYS E 88 -21.16 -28.18 10.91
N SER E 89 -21.24 -27.03 10.20
CA SER E 89 -20.16 -26.06 10.10
C SER E 89 -19.82 -25.48 11.47
N SER E 90 -18.53 -25.19 11.71
CA SER E 90 -18.05 -24.58 12.95
C SER E 90 -18.38 -23.09 12.97
N LYS E 91 -18.21 -22.44 14.14
CA LYS E 91 -18.42 -21.01 14.35
C LYS E 91 -17.50 -20.18 13.43
N THR E 92 -16.22 -20.58 13.33
CA THR E 92 -15.17 -19.92 12.54
C THR E 92 -15.38 -20.11 11.02
N ASP E 93 -15.64 -21.36 10.58
CA ASP E 93 -15.85 -21.67 9.16
C ASP E 93 -17.07 -20.97 8.56
N LEU E 94 -18.12 -20.76 9.37
CA LEU E 94 -19.35 -20.08 8.94
C LEU E 94 -19.04 -18.60 8.62
N ASP E 95 -18.34 -17.92 9.56
CA ASP E 95 -17.95 -16.51 9.43
C ASP E 95 -16.97 -16.31 8.27
N ASN E 96 -16.03 -17.26 8.09
CA ASN E 96 -15.03 -17.25 7.03
C ASN E 96 -15.70 -17.42 5.69
N LEU E 97 -16.72 -18.28 5.60
CA LEU E 97 -17.46 -18.49 4.35
C LEU E 97 -18.24 -17.24 3.98
N TRP E 98 -18.90 -16.61 4.96
CA TRP E 98 -19.63 -15.38 4.70
C TRP E 98 -18.63 -14.30 4.25
N LEU E 99 -17.51 -14.14 4.95
CA LEU E 99 -16.51 -13.15 4.54
C LEU E 99 -15.95 -13.42 3.12
N ASP E 100 -15.68 -14.69 2.79
CA ASP E 100 -15.16 -15.07 1.47
C ASP E 100 -16.16 -14.72 0.37
N VAL E 101 -17.46 -14.88 0.67
CA VAL E 101 -18.53 -14.51 -0.26
C VAL E 101 -18.52 -12.98 -0.47
N LEU E 102 -18.45 -12.20 0.61
CA LEU E 102 -18.41 -10.73 0.61
C LEU E 102 -17.24 -10.18 -0.19
N LEU E 103 -16.07 -10.82 -0.09
CA LEU E 103 -14.84 -10.46 -0.79
C LEU E 103 -14.95 -10.73 -2.30
N CYS E 104 -15.57 -11.86 -2.69
CA CYS E 104 -15.89 -12.17 -4.09
C CYS E 104 -16.76 -11.08 -4.68
N LEU E 105 -17.77 -10.68 -3.93
CA LEU E 105 -18.73 -9.67 -4.34
C LEU E 105 -18.11 -8.29 -4.55
N ILE E 106 -17.49 -7.73 -3.50
CA ILE E 106 -16.96 -6.36 -3.53
C ILE E 106 -15.74 -6.23 -4.41
N GLY E 107 -14.95 -7.30 -4.50
CA GLY E 107 -13.75 -7.36 -5.32
C GLY E 107 -14.06 -7.58 -6.81
N GLU E 108 -15.34 -7.92 -7.17
CA GLU E 108 -15.80 -8.21 -8.55
C GLU E 108 -14.94 -9.34 -9.15
N ALA E 109 -14.84 -10.45 -8.42
CA ALA E 109 -14.01 -11.60 -8.77
C ALA E 109 -14.52 -12.43 -9.99
N PHE E 110 -15.73 -12.16 -10.46
CA PHE E 110 -16.30 -12.93 -11.58
C PHE E 110 -16.19 -12.21 -12.90
N ASP E 111 -16.14 -12.96 -14.02
CA ASP E 111 -16.14 -12.40 -15.37
C ASP E 111 -17.51 -11.78 -15.61
N HIS E 112 -18.57 -12.39 -15.06
CA HIS E 112 -19.94 -11.94 -15.18
C HIS E 112 -20.39 -11.25 -13.89
N SER E 113 -19.53 -10.36 -13.37
CA SER E 113 -19.77 -9.65 -12.12
C SER E 113 -20.95 -8.75 -12.19
N ASP E 114 -21.24 -8.23 -13.38
CA ASP E 114 -22.41 -7.41 -13.62
C ASP E 114 -23.70 -8.23 -13.46
N GLN E 115 -23.62 -9.59 -13.44
CA GLN E 115 -24.78 -10.46 -13.24
C GLN E 115 -25.08 -10.66 -11.75
N ILE E 116 -24.14 -10.27 -10.85
CA ILE E 116 -24.33 -10.46 -9.40
C ILE E 116 -25.26 -9.39 -8.86
N CYS E 117 -26.23 -9.78 -8.03
CA CYS E 117 -27.14 -8.83 -7.38
C CYS E 117 -26.77 -8.73 -5.89
N GLY E 118 -26.32 -9.83 -5.30
CA GLY E 118 -25.99 -9.84 -3.88
C GLY E 118 -25.94 -11.18 -3.23
N ALA E 119 -25.83 -11.19 -1.90
CA ALA E 119 -25.76 -12.43 -1.12
C ALA E 119 -26.52 -12.31 0.17
N VAL E 120 -27.00 -13.45 0.69
CA VAL E 120 -27.79 -13.49 1.93
C VAL E 120 -27.29 -14.63 2.79
N ILE E 121 -27.16 -14.38 4.10
CA ILE E 121 -26.83 -15.41 5.09
C ILE E 121 -28.08 -15.61 5.98
N ASN E 122 -28.48 -16.87 6.17
CA ASN E 122 -29.62 -17.21 7.01
C ASN E 122 -29.07 -17.91 8.23
N ILE E 123 -29.28 -17.32 9.40
CA ILE E 123 -28.80 -17.93 10.65
C ILE E 123 -29.95 -18.71 11.26
N ARG E 124 -29.90 -20.06 11.15
CA ARG E 124 -30.91 -20.97 11.70
C ARG E 124 -30.22 -22.05 12.53
N GLY E 125 -30.82 -22.43 13.65
CA GLY E 125 -30.27 -23.45 14.53
C GLY E 125 -30.15 -24.81 13.87
N LYS E 126 -31.17 -25.17 13.06
CA LYS E 126 -31.27 -26.44 12.34
C LYS E 126 -30.29 -26.56 11.16
N SER E 127 -30.00 -25.43 10.45
CA SER E 127 -29.09 -25.36 9.29
C SER E 127 -28.98 -23.92 8.77
N ASN E 128 -27.73 -23.45 8.61
CA ASN E 128 -27.43 -22.11 8.06
C ASN E 128 -27.33 -22.16 6.55
N LYS E 129 -27.74 -21.07 5.86
CA LYS E 129 -27.66 -21.00 4.41
C LYS E 129 -26.95 -19.75 3.94
N ILE E 130 -26.21 -19.88 2.82
CA ILE E 130 -25.55 -18.75 2.15
C ILE E 130 -25.92 -18.85 0.67
N SER E 131 -26.62 -17.83 0.18
CA SER E 131 -27.08 -17.73 -1.19
C SER E 131 -26.39 -16.58 -1.88
N ILE E 132 -26.06 -16.74 -3.17
CA ILE E 132 -25.45 -15.72 -4.04
C ILE E 132 -26.44 -15.55 -5.21
N TRP E 133 -27.07 -14.37 -5.26
CA TRP E 133 -28.12 -14.05 -6.20
C TRP E 133 -27.56 -13.44 -7.45
N THR E 134 -28.18 -13.83 -8.57
CA THR E 134 -27.80 -13.46 -9.93
C THR E 134 -28.98 -12.87 -10.63
N ALA E 135 -28.77 -11.97 -11.64
CA ALA E 135 -29.84 -11.24 -12.35
C ALA E 135 -30.62 -11.99 -13.40
N ASP E 136 -29.97 -12.86 -14.21
CA ASP E 136 -30.60 -13.60 -15.30
C ASP E 136 -30.48 -15.13 -15.10
N GLY E 137 -31.60 -15.79 -14.78
CA GLY E 137 -31.56 -17.22 -14.51
C GLY E 137 -31.38 -18.07 -15.73
N ASN E 138 -31.70 -17.51 -16.89
CA ASN E 138 -31.53 -18.20 -18.16
C ASN E 138 -30.16 -17.99 -18.74
N ASN E 139 -29.34 -17.14 -18.10
CA ASN E 139 -27.97 -16.88 -18.56
C ASN E 139 -27.06 -17.94 -17.95
N GLU E 140 -27.04 -19.13 -18.60
CA GLU E 140 -26.26 -20.30 -18.21
C GLU E 140 -24.76 -20.00 -18.07
N GLU E 141 -24.14 -19.34 -19.09
CA GLU E 141 -22.73 -18.98 -19.07
C GLU E 141 -22.38 -18.22 -17.79
N ALA E 142 -23.14 -17.18 -17.44
CA ALA E 142 -22.90 -16.43 -16.20
C ALA E 142 -23.13 -17.28 -14.95
N ALA E 143 -24.28 -17.96 -14.87
CA ALA E 143 -24.63 -18.75 -13.70
C ALA E 143 -23.54 -19.80 -13.42
N LEU E 144 -23.05 -20.51 -14.47
CA LEU E 144 -21.99 -21.53 -14.35
C LEU E 144 -20.63 -20.96 -14.01
N GLU E 145 -20.21 -19.85 -14.68
CA GLU E 145 -18.93 -19.19 -14.39
C GLU E 145 -18.90 -18.69 -12.94
N ILE E 146 -20.07 -18.20 -12.43
CA ILE E 146 -20.16 -17.70 -11.05
C ILE E 146 -20.10 -18.93 -10.11
N GLY E 147 -20.85 -19.96 -10.45
CA GLY E 147 -20.94 -21.20 -9.69
C GLY E 147 -19.60 -21.88 -9.52
N HIS E 148 -18.85 -21.98 -10.63
CA HIS E 148 -17.50 -22.55 -10.65
C HIS E 148 -16.54 -21.73 -9.80
N LYS E 149 -16.64 -20.39 -9.85
CA LYS E 149 -15.78 -19.47 -9.09
C LYS E 149 -15.99 -19.68 -7.60
N LEU E 150 -17.25 -19.71 -7.13
CA LEU E 150 -17.67 -19.96 -5.75
C LEU E 150 -17.14 -21.29 -5.24
N ARG E 151 -17.18 -22.35 -6.07
CA ARG E 151 -16.69 -23.69 -5.70
C ARG E 151 -15.13 -23.68 -5.47
N ASP E 152 -14.39 -22.74 -6.12
CA ASP E 152 -12.93 -22.63 -6.07
C ASP E 152 -12.38 -21.43 -5.26
N ALA E 153 -13.24 -20.50 -4.88
CA ALA E 153 -12.86 -19.33 -4.07
C ALA E 153 -13.20 -19.52 -2.59
N LEU E 154 -14.28 -20.28 -2.33
CA LEU E 154 -14.78 -20.57 -1.00
C LEU E 154 -14.19 -21.82 -0.45
N ARG E 155 -14.12 -21.85 0.89
CA ARG E 155 -13.58 -22.96 1.65
C ARG E 155 -14.72 -23.98 1.79
N LEU E 156 -15.10 -24.58 0.65
CA LEU E 156 -16.19 -25.52 0.50
C LEU E 156 -15.69 -26.92 0.11
N GLY E 157 -15.78 -27.86 1.06
CA GLY E 157 -15.40 -29.24 0.86
C GLY E 157 -16.42 -29.94 -0.03
N ARG E 158 -16.05 -31.09 -0.60
CA ARG E 158 -16.95 -31.86 -1.48
C ARG E 158 -18.20 -32.40 -0.73
N ASN E 159 -18.32 -32.06 0.57
CA ASN E 159 -19.43 -32.39 1.45
C ASN E 159 -20.63 -31.47 1.15
N ASN E 160 -20.41 -30.14 1.18
CA ASN E 160 -21.43 -29.10 0.95
C ASN E 160 -21.77 -28.97 -0.53
N SER E 161 -23.06 -28.86 -0.81
CA SER E 161 -23.55 -28.70 -2.17
C SER E 161 -23.75 -27.23 -2.54
N LEU E 162 -23.50 -26.94 -3.83
CA LEU E 162 -23.70 -25.65 -4.46
C LEU E 162 -24.84 -25.88 -5.48
N GLN E 163 -26.07 -25.47 -5.11
CA GLN E 163 -27.28 -25.66 -5.93
C GLN E 163 -27.87 -24.35 -6.46
N TYR E 164 -28.16 -24.29 -7.76
CA TYR E 164 -28.70 -23.07 -8.37
C TYR E 164 -30.19 -23.19 -8.58
N GLN E 165 -30.95 -22.20 -8.04
CA GLN E 165 -32.42 -22.18 -8.13
C GLN E 165 -32.91 -20.92 -8.80
N LEU E 166 -33.85 -21.05 -9.74
CA LEU E 166 -34.49 -19.92 -10.40
C LEU E 166 -35.44 -19.25 -9.43
N HIS E 167 -35.52 -17.91 -9.42
CA HIS E 167 -36.47 -17.20 -8.52
C HIS E 167 -37.93 -17.42 -8.89
N LYS E 168 -38.23 -17.88 -10.13
CA LYS E 168 -39.59 -18.25 -10.56
C LYS E 168 -39.91 -19.61 -9.89
N ASP E 169 -38.86 -20.41 -9.52
CA ASP E 169 -39.04 -21.72 -8.88
C ASP E 169 -39.13 -21.65 -7.33
N THR E 170 -38.38 -20.72 -6.67
CA THR E 170 -38.44 -20.45 -5.22
C THR E 170 -39.85 -19.88 -4.90
N MET E 171 -40.40 -19.12 -5.87
CA MET E 171 -41.73 -18.48 -5.91
C MET E 171 -42.84 -19.55 -5.74
N VAL E 172 -42.64 -20.75 -6.31
CA VAL E 172 -43.56 -21.92 -6.27
C VAL E 172 -43.52 -22.60 -4.88
N LYS E 173 -42.36 -23.19 -4.48
CA LYS E 173 -42.18 -23.88 -3.20
C LYS E 173 -40.77 -23.68 -2.65
N ASN E 177 -40.55 -28.36 -0.99
CA ASN E 177 -39.19 -28.53 -1.50
C ASN E 177 -38.88 -27.52 -2.64
N VAL E 178 -37.62 -26.99 -2.70
CA VAL E 178 -37.21 -26.04 -3.77
C VAL E 178 -36.56 -26.74 -4.95
N LYS E 179 -37.05 -26.43 -6.16
CA LYS E 179 -36.51 -26.99 -7.41
C LYS E 179 -35.19 -26.29 -7.78
N SER E 180 -34.16 -27.09 -8.09
CA SER E 180 -32.83 -26.62 -8.51
C SER E 180 -32.57 -27.02 -9.96
N ILE E 181 -31.91 -26.14 -10.75
CA ILE E 181 -31.62 -26.43 -12.15
C ILE E 181 -30.14 -26.78 -12.36
N TYR E 182 -29.25 -26.43 -11.40
CA TYR E 182 -27.83 -26.81 -11.46
C TYR E 182 -27.34 -27.27 -10.10
N THR E 183 -26.43 -28.26 -10.09
CA THR E 183 -25.77 -28.79 -8.89
C THR E 183 -24.29 -28.88 -9.20
N LEU E 184 -23.48 -28.26 -8.34
CA LEU E 184 -22.03 -28.17 -8.42
C LEU E 184 -21.44 -28.59 -7.07
N SER F 7 -11.25 5.28 -12.13
CA SER F 7 -10.70 4.98 -10.80
C SER F 7 -11.25 3.68 -10.18
N ARG F 8 -12.51 3.29 -10.52
CA ARG F 8 -13.20 2.08 -10.03
C ARG F 8 -12.65 0.77 -10.67
N VAL F 9 -12.02 -0.10 -9.86
CA VAL F 9 -11.44 -1.38 -10.36
C VAL F 9 -11.89 -2.58 -9.54
N SER F 10 -11.53 -3.76 -10.00
CA SER F 10 -11.76 -5.02 -9.30
C SER F 10 -10.57 -5.28 -8.35
N TYR F 11 -10.75 -6.16 -7.34
CA TYR F 11 -9.64 -6.48 -6.42
C TYR F 11 -9.64 -7.95 -6.09
N ASP F 12 -8.44 -8.57 -6.15
CA ASP F 12 -8.28 -9.96 -5.72
C ASP F 12 -8.25 -9.99 -4.18
N ILE F 13 -8.37 -11.19 -3.59
CA ILE F 13 -8.38 -11.37 -2.13
C ILE F 13 -7.09 -10.79 -1.46
N GLU F 14 -5.93 -10.92 -2.10
CA GLU F 14 -4.67 -10.40 -1.55
C GLU F 14 -4.75 -8.89 -1.28
N HIS F 15 -5.23 -8.11 -2.28
CA HIS F 15 -5.39 -6.67 -2.16
C HIS F 15 -6.44 -6.31 -1.14
N LEU F 16 -7.58 -7.03 -1.13
CA LEU F 16 -8.67 -6.77 -0.18
C LEU F 16 -8.24 -6.97 1.26
N LEU F 17 -7.48 -8.04 1.52
CA LEU F 17 -6.95 -8.35 2.84
C LEU F 17 -5.85 -7.41 3.24
N TYR F 18 -5.00 -6.98 2.29
CA TYR F 18 -3.94 -6.01 2.63
C TYR F 18 -4.60 -4.69 3.11
N TYR F 19 -5.63 -4.21 2.39
CA TYR F 19 -6.31 -2.95 2.74
C TYR F 19 -7.03 -3.00 4.09
N SER F 20 -7.31 -4.20 4.63
CA SER F 20 -7.92 -4.32 5.95
C SER F 20 -7.01 -3.81 7.07
N MET F 21 -5.67 -3.78 6.82
CA MET F 21 -4.65 -3.35 7.77
C MET F 21 -4.43 -1.84 7.79
N SER F 22 -5.10 -1.11 6.89
CA SER F 22 -5.00 0.35 6.84
C SER F 22 -5.64 0.93 8.11
N PRO F 23 -5.13 2.07 8.65
CA PRO F 23 -5.81 2.66 9.82
C PRO F 23 -7.27 3.01 9.52
N HIS F 24 -7.55 3.39 8.26
CA HIS F 24 -8.89 3.79 7.80
C HIS F 24 -9.91 2.65 7.80
N SER F 25 -9.45 1.41 7.88
CA SER F 25 -10.25 0.20 7.94
C SER F 25 -10.69 -0.13 9.37
N TRP F 26 -10.20 0.62 10.34
CA TRP F 26 -10.52 0.43 11.76
C TRP F 26 -11.42 1.56 12.30
N THR F 27 -11.40 2.77 11.68
CA THR F 27 -12.23 3.89 12.10
C THR F 27 -13.69 3.48 12.00
N LEU F 28 -14.55 4.13 12.79
CA LEU F 28 -15.98 3.81 12.79
C LEU F 28 -16.64 4.15 11.45
N PRO F 29 -17.67 3.39 11.01
CA PRO F 29 -18.34 3.74 9.75
C PRO F 29 -18.87 5.18 9.78
N THR F 30 -18.82 5.89 8.64
CA THR F 30 -19.33 7.27 8.47
C THR F 30 -20.77 7.40 9.01
N ASP F 31 -21.58 6.33 8.88
CA ASP F 31 -22.99 6.27 9.34
C ASP F 31 -23.15 5.73 10.76
N TRP F 32 -22.07 5.69 11.57
CA TRP F 32 -22.09 5.20 12.95
C TRP F 32 -23.17 5.83 13.82
N GLN F 33 -23.32 7.16 13.76
CA GLN F 33 -24.32 7.89 14.54
C GLN F 33 -25.73 7.39 14.23
N LYS F 34 -26.06 7.27 12.91
CA LYS F 34 -27.35 6.80 12.39
C LYS F 34 -27.54 5.33 12.77
N MET F 35 -26.46 4.52 12.69
CA MET F 35 -26.45 3.09 12.98
C MET F 35 -26.75 2.78 14.46
N GLN F 36 -26.31 3.66 15.37
CA GLN F 36 -26.54 3.53 16.82
C GLN F 36 -28.04 3.57 17.14
N GLU F 37 -28.82 4.25 16.28
CA GLU F 37 -30.27 4.38 16.39
C GLU F 37 -31.02 3.36 15.53
N THR F 38 -30.48 3.01 14.34
CA THR F 38 -31.08 2.05 13.40
C THR F 38 -31.06 0.62 13.92
N ALA F 39 -29.86 0.08 14.18
CA ALA F 39 -29.69 -1.30 14.68
C ALA F 39 -28.54 -1.37 15.68
N PRO F 40 -28.82 -1.06 16.97
CA PRO F 40 -27.75 -1.09 17.98
C PRO F 40 -27.31 -2.49 18.42
N SER F 41 -28.16 -3.52 18.25
CA SER F 41 -27.82 -4.87 18.70
C SER F 41 -26.68 -5.53 17.90
N ILE F 42 -26.45 -5.13 16.64
CA ILE F 42 -25.40 -5.74 15.80
C ILE F 42 -24.05 -4.98 15.85
N LEU F 43 -23.97 -3.84 16.57
CA LEU F 43 -22.71 -3.07 16.66
C LEU F 43 -21.69 -3.66 17.64
N ARG F 44 -20.40 -3.63 17.26
CA ARG F 44 -19.30 -4.15 18.08
C ARG F 44 -18.04 -3.29 17.93
N ASN F 45 -17.00 -3.57 18.74
CA ASN F 45 -15.70 -2.87 18.74
C ASN F 45 -15.86 -1.34 18.88
N LYS F 46 -16.56 -0.91 19.94
CA LYS F 46 -16.92 0.49 20.20
C LYS F 46 -15.77 1.34 20.72
N ASP F 47 -14.79 0.70 21.32
CA ASP F 47 -13.60 1.36 21.82
C ASP F 47 -12.48 1.18 20.79
N LEU F 48 -12.11 2.29 20.12
CA LEU F 48 -11.08 2.30 19.09
C LEU F 48 -9.66 2.07 19.65
N GLN F 49 -9.47 2.22 20.97
CA GLN F 49 -8.18 1.99 21.63
C GLN F 49 -7.94 0.47 21.79
N ASP F 50 -9.03 -0.32 21.86
CA ASP F 50 -8.99 -1.78 21.98
C ASP F 50 -9.12 -2.42 20.57
N GLU F 51 -7.98 -2.79 19.97
CA GLU F 51 -7.89 -3.44 18.65
C GLU F 51 -7.77 -4.96 18.78
N SER F 52 -8.04 -5.51 19.99
CA SER F 52 -7.97 -6.94 20.29
C SER F 52 -8.90 -7.80 19.43
N GLN F 53 -10.12 -7.30 19.15
CA GLN F 53 -11.10 -8.02 18.35
C GLN F 53 -11.18 -7.49 16.90
N ARG F 54 -10.17 -6.72 16.47
CA ARG F 54 -10.06 -6.20 15.11
C ARG F 54 -9.69 -7.34 14.16
N PHE F 55 -10.25 -7.32 12.92
CA PHE F 55 -9.95 -8.31 11.90
C PHE F 55 -8.47 -8.18 11.46
N ASP F 56 -7.76 -9.31 11.46
CA ASP F 56 -6.36 -9.39 11.03
C ASP F 56 -6.29 -10.02 9.63
N GLY F 57 -6.14 -9.16 8.63
CA GLY F 57 -6.03 -9.54 7.22
C GLY F 57 -4.76 -10.29 6.90
N ASP F 58 -3.65 -9.95 7.59
CA ASP F 58 -2.36 -10.60 7.40
C ASP F 58 -2.43 -12.07 7.81
N LYS F 59 -2.99 -12.33 9.01
CA LYS F 59 -3.19 -13.65 9.58
C LYS F 59 -4.19 -14.42 8.70
N TYR F 60 -5.26 -13.75 8.23
CA TYR F 60 -6.28 -14.35 7.35
C TYR F 60 -5.66 -14.79 6.03
N LEU F 61 -4.83 -13.95 5.41
CA LEU F 61 -4.15 -14.29 4.16
C LEU F 61 -3.21 -15.47 4.34
N ALA F 62 -2.48 -15.51 5.47
CA ALA F 62 -1.58 -16.62 5.80
C ALA F 62 -2.39 -17.91 5.94
N SER F 63 -3.55 -17.84 6.63
CA SER F 63 -4.45 -18.98 6.84
C SER F 63 -4.95 -19.60 5.53
N ILE F 64 -5.25 -18.75 4.52
CA ILE F 64 -5.69 -19.17 3.19
C ILE F 64 -4.54 -19.93 2.50
N LYS F 65 -3.31 -19.38 2.58
CA LYS F 65 -2.09 -19.93 1.99
C LYS F 65 -1.69 -21.29 2.60
N HIS G 3 1.21 29.89 -34.88
CA HIS G 3 1.29 28.45 -35.11
C HIS G 3 0.24 27.96 -36.07
N MET G 4 0.67 27.11 -37.01
CA MET G 4 -0.19 26.51 -37.99
C MET G 4 -0.37 25.02 -37.71
N LYS G 5 -1.63 24.58 -37.67
CA LYS G 5 -2.04 23.21 -37.41
C LYS G 5 -2.03 22.43 -38.73
N HIS G 6 -2.15 21.11 -38.67
CA HIS G 6 -2.14 20.26 -39.87
C HIS G 6 -3.59 20.08 -40.34
N PRO G 7 -3.94 20.67 -41.50
CA PRO G 7 -5.34 20.55 -42.00
C PRO G 7 -5.76 19.16 -42.48
N LEU G 8 -7.00 18.84 -42.23
CA LEU G 8 -7.61 17.60 -42.70
C LEU G 8 -8.21 17.81 -44.07
N MET G 9 -8.36 16.73 -44.85
CA MET G 9 -9.01 16.82 -46.15
C MET G 9 -10.48 17.19 -45.98
N ASN G 10 -11.10 16.74 -44.88
CA ASN G 10 -12.52 16.99 -44.59
C ASN G 10 -12.72 17.56 -43.20
N VAL G 11 -13.93 18.13 -42.97
CA VAL G 11 -14.40 18.61 -41.68
C VAL G 11 -15.15 17.41 -41.10
N TRP G 12 -14.85 17.07 -39.85
CA TRP G 12 -15.45 15.91 -39.19
C TRP G 12 -16.29 16.33 -38.01
N THR G 13 -17.43 15.66 -37.81
CA THR G 13 -18.34 16.03 -36.74
C THR G 13 -18.50 14.90 -35.78
N LEU G 14 -18.34 15.14 -34.46
CA LEU G 14 -18.57 14.07 -33.48
C LEU G 14 -20.00 14.20 -32.93
N TRP G 15 -20.68 13.06 -32.76
CA TRP G 15 -22.06 12.94 -32.27
C TRP G 15 -22.05 12.00 -31.10
N TYR G 16 -22.84 12.29 -30.08
CA TYR G 16 -22.94 11.43 -28.91
C TYR G 16 -24.42 11.10 -28.69
N LEU G 17 -24.78 9.80 -28.64
CA LEU G 17 -26.16 9.42 -28.35
C LEU G 17 -26.11 8.83 -26.95
N GLU G 18 -27.05 9.22 -26.11
CA GLU G 18 -27.15 8.75 -24.74
C GLU G 18 -28.59 8.32 -24.57
N ASN G 19 -28.82 7.17 -23.90
CA ASN G 19 -30.18 6.67 -23.69
C ASN G 19 -30.82 7.34 -22.46
N ASP G 20 -30.88 8.69 -22.47
CA ASP G 20 -31.52 9.42 -21.38
C ASP G 20 -32.92 9.82 -21.79
N ARG G 21 -33.89 9.56 -20.90
CA ARG G 21 -35.30 9.89 -21.09
C ARG G 21 -35.56 11.37 -20.80
N SER G 22 -34.49 12.13 -20.46
CA SER G 22 -34.57 13.57 -20.21
C SER G 22 -34.78 14.30 -21.56
N LYS G 23 -34.15 13.76 -22.64
CA LYS G 23 -34.27 14.28 -24.01
C LYS G 23 -35.24 13.44 -24.85
N SER G 24 -36.07 14.13 -25.69
CA SER G 24 -37.03 13.51 -26.60
C SER G 24 -36.28 12.72 -27.67
N TRP G 25 -36.95 11.72 -28.27
CA TRP G 25 -36.37 10.84 -29.28
C TRP G 25 -35.58 11.59 -30.36
N GLU G 26 -36.19 12.67 -30.88
CA GLU G 26 -35.60 13.49 -31.94
C GLU G 26 -34.39 14.31 -31.48
N ASP G 27 -34.24 14.55 -30.16
CA ASP G 27 -33.13 15.28 -29.56
C ASP G 27 -32.02 14.38 -28.95
N MET G 28 -32.17 13.04 -28.99
CA MET G 28 -31.21 12.09 -28.40
C MET G 28 -29.81 12.05 -29.07
N GLN G 29 -29.75 12.23 -30.39
CA GLN G 29 -28.51 12.24 -31.14
C GLN G 29 -27.99 13.68 -31.04
N ASN G 30 -26.93 13.89 -30.20
CA ASN G 30 -26.33 15.21 -29.93
C ASN G 30 -25.03 15.47 -30.68
N GLU G 31 -25.02 16.56 -31.49
CA GLU G 31 -23.87 17.07 -32.23
C GLU G 31 -22.97 17.74 -31.22
N ILE G 32 -21.76 17.16 -30.99
CA ILE G 32 -20.84 17.69 -30.01
C ILE G 32 -20.05 18.86 -30.58
N THR G 33 -19.21 18.61 -31.61
CA THR G 33 -18.40 19.65 -32.24
C THR G 33 -17.83 19.12 -33.57
N SER G 34 -17.24 20.01 -34.36
CA SER G 34 -16.60 19.72 -35.61
C SER G 34 -15.14 20.19 -35.50
N PHE G 35 -14.27 19.60 -36.30
CA PHE G 35 -12.85 19.94 -36.36
C PHE G 35 -12.38 19.69 -37.80
N ASP G 36 -11.31 20.38 -38.18
CA ASP G 36 -10.78 20.24 -39.51
C ASP G 36 -9.25 20.21 -39.47
N THR G 37 -8.65 20.00 -38.28
CA THR G 37 -7.18 19.82 -38.21
C THR G 37 -6.85 18.57 -37.38
N VAL G 38 -5.61 18.06 -37.50
CA VAL G 38 -5.14 16.91 -36.73
C VAL G 38 -5.10 17.30 -35.23
N GLU G 39 -4.45 18.43 -34.91
CA GLU G 39 -4.32 18.92 -33.54
C GLU G 39 -5.69 19.16 -32.88
N ASP G 40 -6.67 19.66 -33.66
CA ASP G 40 -8.04 19.85 -33.13
C ASP G 40 -8.72 18.54 -32.86
N PHE G 41 -8.35 17.49 -33.61
CA PHE G 41 -8.87 16.14 -33.35
C PHE G 41 -8.33 15.65 -31.99
N TRP G 42 -7.02 15.77 -31.73
CA TRP G 42 -6.39 15.33 -30.48
C TRP G 42 -6.85 16.13 -29.30
N SER G 43 -7.09 17.43 -29.51
CA SER G 43 -7.65 18.33 -28.52
C SER G 43 -9.02 17.79 -28.06
N LEU G 44 -9.85 17.31 -28.98
CA LEU G 44 -11.16 16.71 -28.72
C LEU G 44 -10.96 15.34 -28.06
N TYR G 45 -10.12 14.48 -28.66
CA TYR G 45 -9.83 13.14 -28.15
C TYR G 45 -9.33 13.15 -26.70
N ASN G 46 -8.44 14.09 -26.36
CA ASN G 46 -7.87 14.25 -25.02
C ASN G 46 -8.84 14.79 -23.97
N HIS G 47 -10.03 15.29 -24.40
CA HIS G 47 -10.97 15.90 -23.45
C HIS G 47 -12.37 15.31 -23.50
N ILE G 48 -12.50 14.12 -24.09
CA ILE G 48 -13.74 13.36 -24.12
C ILE G 48 -13.36 11.95 -23.67
N LYS G 49 -14.27 11.30 -22.95
CA LYS G 49 -14.09 9.98 -22.40
C LYS G 49 -13.95 8.92 -23.49
N PRO G 50 -13.01 7.95 -23.36
CA PRO G 50 -12.93 6.89 -24.38
C PRO G 50 -14.12 5.93 -24.35
N PRO G 51 -14.41 5.17 -25.44
CA PRO G 51 -15.55 4.22 -25.43
C PRO G 51 -15.72 3.35 -24.18
N SER G 52 -14.63 2.89 -23.58
CA SER G 52 -14.61 2.04 -22.37
C SER G 52 -15.10 2.75 -21.09
N GLU G 53 -15.18 4.10 -21.10
CA GLU G 53 -15.61 4.94 -19.97
C GLU G 53 -17.03 5.50 -20.11
N ILE G 54 -17.67 5.30 -21.29
CA ILE G 54 -19.00 5.86 -21.56
C ILE G 54 -20.10 4.87 -21.18
N LYS G 55 -21.28 5.41 -20.77
CA LYS G 55 -22.48 4.68 -20.34
C LYS G 55 -22.94 3.62 -21.34
N LEU G 56 -23.59 2.54 -20.85
CA LEU G 56 -24.14 1.50 -21.71
C LEU G 56 -25.36 2.04 -22.46
N GLY G 57 -25.49 1.64 -23.72
CA GLY G 57 -26.55 2.10 -24.61
C GLY G 57 -26.20 3.35 -25.38
N SER G 58 -24.99 3.91 -25.12
CA SER G 58 -24.48 5.12 -25.76
C SER G 58 -23.65 4.84 -27.01
N ASP G 59 -23.66 5.80 -27.95
CA ASP G 59 -22.85 5.74 -29.16
C ASP G 59 -21.98 6.99 -29.31
N TYR G 60 -20.84 6.82 -29.98
CA TYR G 60 -20.04 7.94 -30.45
C TYR G 60 -20.14 7.71 -31.94
N SER G 61 -20.34 8.78 -32.70
CA SER G 61 -20.35 8.73 -34.16
C SER G 61 -19.46 9.84 -34.70
N LEU G 62 -18.60 9.52 -35.66
CA LEU G 62 -17.78 10.54 -36.30
C LEU G 62 -18.13 10.50 -37.79
N PHE G 63 -18.75 11.58 -38.27
CA PHE G 63 -19.19 11.67 -39.67
C PHE G 63 -18.64 12.89 -40.33
N LYS G 64 -18.46 12.85 -41.66
CA LYS G 64 -18.02 14.06 -42.38
C LYS G 64 -19.11 15.11 -42.20
N LYS G 65 -18.72 16.40 -42.23
CA LYS G 65 -19.64 17.51 -42.04
C LYS G 65 -20.84 17.43 -43.00
N ASN G 66 -22.04 17.66 -42.42
CA ASN G 66 -23.35 17.73 -43.04
C ASN G 66 -23.96 16.36 -43.33
N ILE G 67 -23.35 15.29 -42.85
CA ILE G 67 -23.92 13.94 -42.94
C ILE G 67 -24.29 13.54 -41.51
N ARG G 68 -25.54 13.28 -41.24
CA ARG G 68 -25.97 12.83 -39.90
C ARG G 68 -25.76 11.32 -39.70
N PRO G 69 -25.59 10.81 -38.45
CA PRO G 69 -25.36 9.35 -38.26
C PRO G 69 -26.62 8.50 -38.33
N MET G 70 -27.37 8.63 -39.41
CA MET G 70 -28.62 7.91 -39.62
C MET G 70 -28.69 7.39 -41.04
N TRP G 71 -28.90 6.07 -41.18
CA TRP G 71 -28.95 5.37 -42.46
C TRP G 71 -29.93 6.05 -43.41
N GLU G 72 -30.98 6.67 -42.88
CA GLU G 72 -32.01 7.39 -43.64
C GLU G 72 -31.53 8.75 -44.21
N ASP G 73 -30.37 9.33 -43.79
CA ASP G 73 -29.86 10.62 -44.37
C ASP G 73 -29.61 10.34 -45.88
N ALA G 74 -29.90 11.30 -46.78
CA ALA G 74 -29.70 11.09 -48.24
C ALA G 74 -28.27 10.64 -48.61
N ALA G 75 -27.24 11.05 -47.84
CA ALA G 75 -25.86 10.63 -48.10
C ALA G 75 -25.57 9.21 -47.63
N ASN G 76 -26.49 8.61 -46.83
CA ASN G 76 -26.32 7.23 -46.34
C ASN G 76 -27.29 6.22 -46.91
N LYS G 77 -28.52 6.67 -47.35
CA LYS G 77 -29.62 5.78 -47.83
C LYS G 77 -29.19 4.62 -48.72
N GLN G 78 -28.30 4.89 -49.69
CA GLN G 78 -27.84 3.92 -50.70
C GLN G 78 -26.61 3.19 -50.26
N GLY G 79 -26.12 3.49 -49.08
CA GLY G 79 -24.89 2.94 -48.55
C GLY G 79 -25.01 1.68 -47.75
N GLY G 80 -24.06 1.47 -46.89
CA GLY G 80 -24.02 0.34 -45.98
C GLY G 80 -22.90 0.56 -44.98
N ARG G 81 -22.44 -0.52 -44.33
CA ARG G 81 -21.42 -0.42 -43.30
C ARG G 81 -20.57 -1.68 -43.14
N TRP G 82 -19.31 -1.50 -42.79
CA TRP G 82 -18.40 -2.56 -42.40
C TRP G 82 -18.55 -2.64 -40.88
N VAL G 83 -19.06 -3.79 -40.36
CA VAL G 83 -19.37 -4.05 -38.96
C VAL G 83 -18.31 -4.95 -38.31
N ILE G 84 -17.78 -4.51 -37.16
CA ILE G 84 -16.80 -5.23 -36.31
C ILE G 84 -17.53 -5.50 -34.99
N THR G 85 -17.85 -6.77 -34.71
CA THR G 85 -18.55 -7.17 -33.49
C THR G 85 -17.50 -7.65 -32.49
N LEU G 86 -17.46 -7.00 -31.31
CA LEU G 86 -16.48 -7.28 -30.26
C LEU G 86 -17.02 -7.98 -29.01
N ASN G 87 -16.88 -9.33 -29.00
CA ASN G 87 -17.21 -10.17 -27.87
C ASN G 87 -15.91 -10.40 -27.10
N LYS G 88 -15.97 -10.37 -25.76
CA LYS G 88 -14.84 -10.56 -24.83
C LYS G 88 -13.65 -9.59 -25.00
N SER G 89 -13.74 -8.58 -25.89
CA SER G 89 -12.62 -7.64 -26.08
C SER G 89 -12.28 -6.84 -24.81
N SER G 90 -10.98 -6.62 -24.58
CA SER G 90 -10.51 -5.86 -23.42
C SER G 90 -10.91 -4.38 -23.58
N LYS G 91 -10.84 -3.61 -22.49
CA LYS G 91 -11.14 -2.18 -22.49
C LYS G 91 -10.10 -1.43 -23.32
N THR G 92 -8.82 -1.87 -23.26
CA THR G 92 -7.72 -1.26 -24.00
C THR G 92 -7.89 -1.48 -25.51
N ASP G 93 -8.12 -2.73 -25.95
CA ASP G 93 -8.31 -3.07 -27.37
C ASP G 93 -9.54 -2.39 -27.98
N LEU G 94 -10.61 -2.23 -27.20
CA LEU G 94 -11.82 -1.55 -27.67
C LEU G 94 -11.51 -0.06 -28.01
N ASP G 95 -10.83 0.64 -27.09
CA ASP G 95 -10.46 2.06 -27.27
C ASP G 95 -9.43 2.26 -28.39
N ASN G 96 -8.52 1.31 -28.53
CA ASN G 96 -7.48 1.30 -29.55
C ASN G 96 -8.09 1.03 -30.89
N LEU G 97 -9.10 0.15 -30.98
CA LEU G 97 -9.80 -0.11 -32.24
C LEU G 97 -10.59 1.11 -32.68
N TRP G 98 -11.30 1.75 -31.75
CA TRP G 98 -12.06 2.95 -32.10
C TRP G 98 -11.09 4.04 -32.57
N LEU G 99 -9.98 4.26 -31.83
CA LEU G 99 -8.98 5.25 -32.23
C LEU G 99 -8.38 4.92 -33.62
N ASP G 100 -8.03 3.64 -33.88
CA ASP G 100 -7.48 3.22 -35.17
C ASP G 100 -8.43 3.51 -36.30
N VAL G 101 -9.73 3.31 -36.06
CA VAL G 101 -10.77 3.64 -37.04
C VAL G 101 -10.80 5.15 -37.32
N LEU G 102 -10.86 5.97 -36.27
CA LEU G 102 -10.89 7.44 -36.36
C LEU G 102 -9.69 7.97 -37.16
N LEU G 103 -8.48 7.40 -36.93
CA LEU G 103 -7.24 7.77 -37.64
C LEU G 103 -7.31 7.44 -39.15
N CYS G 104 -7.86 6.27 -39.51
CA CYS G 104 -8.10 5.86 -40.90
C CYS G 104 -9.00 6.89 -41.58
N LEU G 105 -10.06 7.32 -40.88
CA LEU G 105 -11.01 8.29 -41.38
C LEU G 105 -10.41 9.67 -41.64
N ILE G 106 -9.85 10.31 -40.61
CA ILE G 106 -9.36 11.69 -40.68
C ILE G 106 -8.08 11.78 -41.53
N GLY G 107 -7.30 10.71 -41.55
CA GLY G 107 -6.06 10.62 -42.31
C GLY G 107 -6.28 10.34 -43.79
N GLU G 108 -7.52 9.95 -44.17
CA GLU G 108 -7.94 9.64 -45.55
C GLU G 108 -7.11 8.49 -46.10
N ALA G 109 -7.02 7.41 -45.32
CA ALA G 109 -6.22 6.24 -45.64
C ALA G 109 -6.71 5.39 -46.83
N PHE G 110 -7.93 5.65 -47.34
CA PHE G 110 -8.52 4.90 -48.44
C PHE G 110 -8.39 5.59 -49.77
N ASP G 111 -8.27 4.82 -50.87
CA ASP G 111 -8.26 5.33 -52.24
C ASP G 111 -9.64 5.89 -52.56
N HIS G 112 -10.70 5.22 -52.03
CA HIS G 112 -12.11 5.58 -52.19
C HIS G 112 -12.60 6.29 -50.94
N SER G 113 -11.85 7.32 -50.56
CA SER G 113 -12.09 8.15 -49.38
C SER G 113 -13.39 8.93 -49.48
N ASP G 114 -13.77 9.33 -50.72
CA ASP G 114 -15.02 10.02 -50.95
C ASP G 114 -16.23 9.10 -50.71
N GLN G 115 -16.00 7.77 -50.61
CA GLN G 115 -17.08 6.81 -50.33
C GLN G 115 -17.32 6.68 -48.84
N ILE G 116 -16.34 7.09 -48.00
CA ILE G 116 -16.48 7.05 -46.54
C ILE G 116 -17.52 8.10 -46.11
N CYS G 117 -18.39 7.74 -45.17
CA CYS G 117 -19.37 8.68 -44.59
C CYS G 117 -18.99 9.07 -43.17
N GLY G 118 -18.70 8.06 -42.37
CA GLY G 118 -18.30 8.19 -40.98
C GLY G 118 -18.23 6.84 -40.31
N ALA G 119 -18.11 6.83 -39.01
CA ALA G 119 -18.07 5.60 -38.24
C ALA G 119 -18.86 5.84 -36.97
N VAL G 120 -19.36 4.75 -36.39
CA VAL G 120 -20.19 4.70 -35.18
C VAL G 120 -19.62 3.58 -34.28
N ILE G 121 -19.59 3.83 -32.95
CA ILE G 121 -19.26 2.80 -31.95
C ILE G 121 -20.48 2.65 -31.01
N ASN G 122 -21.08 1.44 -30.97
CA ASN G 122 -22.22 1.16 -30.08
C ASN G 122 -21.67 0.43 -28.88
N ILE G 123 -21.90 0.97 -27.69
CA ILE G 123 -21.43 0.40 -26.43
C ILE G 123 -22.59 -0.27 -25.76
N ARG G 124 -22.52 -1.62 -25.69
CA ARG G 124 -23.53 -2.50 -25.10
C ARG G 124 -22.85 -3.52 -24.18
N GLY G 125 -23.49 -3.85 -23.06
CA GLY G 125 -22.95 -4.81 -22.09
C GLY G 125 -22.77 -6.20 -22.66
N LYS G 126 -23.77 -6.64 -23.48
CA LYS G 126 -23.81 -7.94 -24.13
C LYS G 126 -22.78 -8.09 -25.27
N SER G 127 -22.51 -7.00 -26.05
CA SER G 127 -21.55 -6.97 -27.17
C SER G 127 -21.38 -5.55 -27.75
N ASN G 128 -20.13 -5.09 -27.91
CA ASN G 128 -19.85 -3.78 -28.52
C ASN G 128 -19.66 -3.94 -30.04
N LYS G 129 -19.98 -2.89 -30.80
CA LYS G 129 -19.85 -2.88 -32.26
C LYS G 129 -19.20 -1.59 -32.75
N ILE G 130 -18.31 -1.69 -33.76
CA ILE G 130 -17.70 -0.58 -34.44
C ILE G 130 -18.05 -0.75 -35.92
N SER G 131 -18.69 0.29 -36.52
CA SER G 131 -19.09 0.25 -37.92
C SER G 131 -18.51 1.41 -38.66
N ILE G 132 -18.13 1.17 -39.92
CA ILE G 132 -17.58 2.17 -40.84
C ILE G 132 -18.58 2.26 -41.98
N TRP G 133 -19.26 3.41 -42.07
CA TRP G 133 -20.30 3.62 -43.08
C TRP G 133 -19.71 4.20 -44.34
N THR G 134 -20.26 3.73 -45.44
CA THR G 134 -19.93 3.96 -46.83
C THR G 134 -21.16 4.45 -47.56
N ALA G 135 -20.98 5.28 -48.60
CA ALA G 135 -22.06 5.93 -49.35
C ALA G 135 -22.81 5.06 -50.34
N ASP G 136 -22.16 4.11 -51.00
CA ASP G 136 -22.81 3.28 -52.01
C ASP G 136 -22.54 1.79 -51.76
N GLY G 137 -23.58 1.09 -51.31
CA GLY G 137 -23.52 -0.33 -50.99
C GLY G 137 -23.24 -1.23 -52.17
N ASN G 138 -23.62 -0.78 -53.38
CA ASN G 138 -23.42 -1.49 -54.62
C ASN G 138 -22.05 -1.27 -55.28
N ASN G 139 -21.26 -0.32 -54.77
CA ASN G 139 -19.94 -0.05 -55.31
C ASN G 139 -19.03 -1.03 -54.62
N GLU G 140 -18.94 -2.22 -55.20
CA GLU G 140 -18.10 -3.31 -54.71
C GLU G 140 -16.62 -2.93 -54.60
N GLU G 141 -16.05 -2.32 -55.66
CA GLU G 141 -14.65 -1.88 -55.70
C GLU G 141 -14.30 -1.02 -54.47
N ALA G 142 -15.10 0.01 -54.17
CA ALA G 142 -14.87 0.87 -52.98
C ALA G 142 -15.08 0.09 -51.70
N ALA G 143 -16.22 -0.61 -51.56
CA ALA G 143 -16.53 -1.37 -50.35
C ALA G 143 -15.39 -2.34 -50.00
N LEU G 144 -14.85 -3.09 -51.00
CA LEU G 144 -13.77 -4.04 -50.80
C LEU G 144 -12.42 -3.39 -50.52
N GLU G 145 -12.04 -2.32 -51.26
CA GLU G 145 -10.79 -1.54 -51.02
C GLU G 145 -10.82 -0.94 -49.59
N ILE G 146 -12.01 -0.49 -49.11
CA ILE G 146 -12.15 0.06 -47.77
C ILE G 146 -12.04 -1.09 -46.75
N GLY G 147 -12.75 -2.19 -47.04
CA GLY G 147 -12.76 -3.38 -46.19
C GLY G 147 -11.37 -3.93 -45.97
N HIS G 148 -10.58 -4.04 -47.05
CA HIS G 148 -9.21 -4.52 -47.04
C HIS G 148 -8.26 -3.56 -46.27
N LYS G 149 -8.31 -2.23 -46.52
CA LYS G 149 -7.42 -1.29 -45.82
C LYS G 149 -7.74 -1.19 -44.33
N LEU G 150 -9.02 -1.44 -43.95
CA LEU G 150 -9.46 -1.51 -42.56
C LEU G 150 -8.80 -2.74 -41.89
N ARG G 151 -8.78 -3.90 -42.55
CA ARG G 151 -8.19 -5.11 -42.00
C ARG G 151 -6.69 -4.95 -41.69
N ASP G 152 -5.96 -4.33 -42.62
CA ASP G 152 -4.52 -4.14 -42.58
C ASP G 152 -4.07 -3.02 -41.63
N ALA G 153 -4.99 -2.09 -41.25
CA ALA G 153 -4.65 -1.01 -40.33
C ALA G 153 -5.12 -1.30 -38.91
N LEU G 154 -6.21 -2.07 -38.74
CA LEU G 154 -6.80 -2.43 -37.43
C LEU G 154 -6.29 -3.78 -36.95
N ARG G 155 -6.63 -4.15 -35.68
CA ARG G 155 -6.27 -5.42 -35.03
C ARG G 155 -6.58 -6.70 -35.86
N ARG G 158 -8.81 -12.28 -37.32
CA ARG G 158 -9.28 -13.65 -37.56
C ARG G 158 -10.39 -14.04 -36.58
N ASN G 159 -10.23 -13.69 -35.29
CA ASN G 159 -11.20 -13.94 -34.20
C ASN G 159 -12.54 -13.19 -34.48
N ASN G 160 -12.45 -11.93 -34.91
CA ASN G 160 -13.63 -11.11 -35.25
C ASN G 160 -13.74 -10.87 -36.76
N SER G 161 -14.96 -11.00 -37.30
CA SER G 161 -15.21 -10.87 -38.74
C SER G 161 -15.69 -9.48 -39.18
N LEU G 162 -14.98 -8.92 -40.14
CA LEU G 162 -15.28 -7.68 -40.81
C LEU G 162 -16.43 -8.00 -41.79
N GLN G 163 -17.67 -7.59 -41.47
CA GLN G 163 -18.78 -7.94 -42.36
C GLN G 163 -19.57 -6.70 -42.84
N TYR G 164 -19.78 -6.64 -44.16
CA TYR G 164 -20.45 -5.52 -44.82
C TYR G 164 -21.95 -5.73 -44.89
N GLN G 165 -22.75 -4.74 -44.44
CA GLN G 165 -24.22 -4.84 -44.48
C GLN G 165 -24.79 -3.61 -45.12
N LEU G 166 -25.83 -3.79 -45.98
CA LEU G 166 -26.49 -2.67 -46.65
C LEU G 166 -27.44 -1.97 -45.67
N HIS G 167 -27.51 -0.62 -45.68
CA HIS G 167 -28.48 0.04 -44.78
C HIS G 167 -29.97 -0.30 -45.18
N LYS G 168 -30.25 -0.68 -46.46
CA LYS G 168 -31.62 -1.10 -46.87
C LYS G 168 -31.96 -2.39 -46.10
N ASP G 169 -30.92 -3.17 -45.72
CA ASP G 169 -31.06 -4.42 -44.99
C ASP G 169 -31.25 -4.22 -43.49
N THR G 170 -30.41 -3.37 -42.85
CA THR G 170 -30.50 -3.02 -41.42
C THR G 170 -31.93 -2.50 -41.11
N MET G 171 -32.51 -1.70 -42.08
CA MET G 171 -33.87 -1.13 -42.15
C MET G 171 -34.97 -2.16 -41.75
N VAL G 172 -34.69 -3.48 -41.89
CA VAL G 172 -35.64 -4.55 -41.55
C VAL G 172 -35.18 -5.39 -40.32
N ASN G 177 -31.39 -10.45 -35.99
CA ASN G 177 -30.23 -10.71 -36.83
C ASN G 177 -30.24 -9.83 -38.09
N VAL G 178 -29.04 -9.47 -38.60
CA VAL G 178 -28.89 -8.58 -39.76
C VAL G 178 -28.21 -9.30 -40.93
N LYS G 179 -28.74 -9.07 -42.15
CA LYS G 179 -28.21 -9.65 -43.37
C LYS G 179 -26.89 -8.94 -43.80
N SER G 180 -25.87 -9.76 -44.14
CA SER G 180 -24.56 -9.31 -44.61
C SER G 180 -24.33 -9.69 -46.08
N ILE G 181 -23.69 -8.82 -46.86
CA ILE G 181 -23.41 -9.12 -48.27
C ILE G 181 -21.91 -9.43 -48.47
N TYR G 182 -21.03 -9.04 -47.55
CA TYR G 182 -19.59 -9.37 -47.62
C TYR G 182 -19.05 -9.77 -46.25
N THR G 183 -18.06 -10.70 -46.24
CA THR G 183 -17.34 -11.13 -45.04
C THR G 183 -15.86 -11.15 -45.37
N LEU G 184 -15.06 -10.48 -44.54
CA LEU G 184 -13.62 -10.33 -44.66
C LEU G 184 -12.97 -10.68 -43.30
N ARG H 8 -5.66 14.10 -51.59
CA ARG H 8 -5.15 15.48 -51.64
C ARG H 8 -4.34 15.75 -50.36
N VAL H 9 -4.99 15.67 -49.19
CA VAL H 9 -4.33 15.87 -47.91
C VAL H 9 -4.53 14.60 -47.06
N SER H 10 -3.51 13.76 -47.01
CA SER H 10 -3.57 12.52 -46.27
C SER H 10 -2.45 12.38 -45.22
N TYR H 11 -2.72 11.59 -44.16
CA TYR H 11 -1.75 11.33 -43.11
C TYR H 11 -1.82 9.89 -42.69
N ASP H 12 -0.65 9.22 -42.64
CA ASP H 12 -0.54 7.86 -42.12
C ASP H 12 -0.59 7.95 -40.58
N ILE H 13 -0.74 6.80 -39.91
CA ILE H 13 -0.84 6.72 -38.47
C ILE H 13 0.42 7.31 -37.78
N GLU H 14 1.63 7.12 -38.37
CA GLU H 14 2.87 7.66 -37.79
C GLU H 14 2.80 9.20 -37.62
N HIS H 15 2.39 9.90 -38.68
CA HIS H 15 2.22 11.37 -38.65
C HIS H 15 1.14 11.81 -37.69
N LEU H 16 -0.01 11.08 -37.68
CA LEU H 16 -1.12 11.42 -36.81
C LEU H 16 -0.77 11.29 -35.36
N LEU H 17 0.00 10.24 -35.00
CA LEU H 17 0.45 10.00 -33.62
C LEU H 17 1.55 10.98 -33.22
N TYR H 18 2.43 11.36 -34.16
CA TYR H 18 3.44 12.36 -33.84
C TYR H 18 2.76 13.68 -33.45
N TYR H 19 1.77 14.14 -34.25
CA TYR H 19 1.07 15.39 -34.00
C TYR H 19 0.27 15.40 -32.69
N SER H 20 -0.02 14.23 -32.09
CA SER H 20 -0.73 14.18 -30.80
C SER H 20 0.12 14.77 -29.67
N MET H 21 1.47 14.81 -29.86
CA MET H 21 2.45 15.31 -28.88
C MET H 21 2.63 16.84 -28.95
N SER H 22 2.00 17.50 -29.93
CA SER H 22 2.03 18.95 -30.06
C SER H 22 1.32 19.58 -28.85
N PRO H 23 1.75 20.77 -28.36
CA PRO H 23 1.01 21.42 -27.26
C PRO H 23 -0.43 21.72 -27.65
N HIS H 24 -0.69 22.00 -28.93
CA HIS H 24 -2.00 22.33 -29.48
C HIS H 24 -3.00 21.17 -29.45
N SER H 25 -2.51 19.93 -29.29
CA SER H 25 -3.27 18.71 -29.19
C SER H 25 -3.77 18.45 -27.74
N TRP H 26 -3.31 19.27 -26.78
CA TRP H 26 -3.68 19.15 -25.37
C TRP H 26 -4.62 20.29 -24.93
N THR H 27 -4.61 21.44 -25.62
CA THR H 27 -5.49 22.57 -25.27
C THR H 27 -6.93 22.07 -25.41
N LEU H 28 -7.84 22.69 -24.69
CA LEU H 28 -9.25 22.32 -24.73
C LEU H 28 -9.88 22.59 -26.09
N PRO H 29 -10.86 21.77 -26.56
CA PRO H 29 -11.51 22.06 -27.85
C PRO H 29 -12.06 23.51 -27.87
N THR H 30 -11.98 24.17 -29.02
CA THR H 30 -12.51 25.53 -29.27
C THR H 30 -13.98 25.67 -28.78
N ASP H 31 -14.79 24.58 -28.90
CA ASP H 31 -16.20 24.56 -28.49
C ASP H 31 -16.42 24.09 -27.04
N TRP H 32 -15.35 24.09 -26.21
CA TRP H 32 -15.41 23.62 -24.82
C TRP H 32 -16.56 24.22 -24.01
N GLN H 33 -16.77 25.56 -24.11
CA GLN H 33 -17.85 26.22 -23.36
C GLN H 33 -19.21 25.67 -23.73
N LYS H 34 -19.49 25.55 -25.03
CA LYS H 34 -20.73 24.97 -25.59
C LYS H 34 -20.87 23.48 -25.20
N MET H 35 -19.76 22.75 -25.24
CA MET H 35 -19.65 21.32 -24.93
C MET H 35 -20.00 21.01 -23.46
N GLN H 36 -19.64 21.93 -22.52
CA GLN H 36 -19.92 21.82 -21.09
C GLN H 36 -21.42 21.77 -20.82
N GLU H 37 -22.20 22.40 -21.72
CA GLU H 37 -23.67 22.46 -21.65
C GLU H 37 -24.32 21.39 -22.53
N THR H 38 -23.71 21.02 -23.68
CA THR H 38 -24.24 20.03 -24.61
C THR H 38 -24.18 18.62 -24.03
N ALA H 39 -22.98 18.18 -23.65
CA ALA H 39 -22.74 16.86 -23.08
C ALA H 39 -21.69 16.91 -21.95
N PRO H 40 -22.05 17.41 -20.75
CA PRO H 40 -21.06 17.43 -19.65
C PRO H 40 -20.58 16.05 -19.20
N SER H 41 -21.42 14.99 -19.37
CA SER H 41 -21.12 13.62 -18.94
C SER H 41 -19.94 12.96 -19.70
N ILE H 42 -19.59 13.45 -20.90
CA ILE H 42 -18.50 12.85 -21.70
C ILE H 42 -17.18 13.57 -21.55
N LEU H 43 -17.19 14.76 -20.94
CA LEU H 43 -15.97 15.55 -20.77
C LEU H 43 -14.97 14.94 -19.75
N ARG H 44 -13.65 15.08 -20.01
CA ARG H 44 -12.56 14.59 -19.15
C ARG H 44 -11.32 15.47 -19.33
N ASN H 45 -10.30 15.27 -18.48
CA ASN H 45 -9.02 16.00 -18.46
C ASN H 45 -9.24 17.53 -18.40
N LYS H 46 -9.99 17.98 -17.39
CA LYS H 46 -10.39 19.37 -17.20
C LYS H 46 -9.28 20.26 -16.67
N ASP H 47 -8.29 19.67 -16.02
CA ASP H 47 -7.16 20.43 -15.51
C ASP H 47 -5.98 20.28 -16.47
N LEU H 48 -5.61 21.36 -17.18
CA LEU H 48 -4.54 21.36 -18.17
C LEU H 48 -3.15 21.20 -17.56
N GLN H 49 -3.01 21.44 -16.24
CA GLN H 49 -1.73 21.27 -15.54
C GLN H 49 -1.45 19.78 -15.29
N ASP H 50 -2.52 18.96 -15.21
CA ASP H 50 -2.44 17.51 -15.01
C ASP H 50 -2.51 16.78 -16.36
N GLU H 51 -1.33 16.41 -16.90
CA GLU H 51 -1.20 15.70 -18.18
C GLU H 51 -1.07 14.18 -17.98
N SER H 52 -1.36 13.70 -16.75
CA SER H 52 -1.26 12.28 -16.38
C SER H 52 -2.13 11.36 -17.21
N GLN H 53 -3.36 11.80 -17.55
CA GLN H 53 -4.30 10.99 -18.34
C GLN H 53 -4.34 11.41 -19.82
N ARG H 54 -3.35 12.23 -20.26
CA ARG H 54 -3.22 12.71 -21.65
C ARG H 54 -2.78 11.53 -22.53
N PHE H 55 -3.29 11.48 -23.77
CA PHE H 55 -2.93 10.45 -24.72
C PHE H 55 -1.45 10.57 -25.09
N ASP H 56 -0.71 9.46 -25.00
CA ASP H 56 0.70 9.40 -25.37
C ASP H 56 0.84 8.71 -26.72
N GLY H 57 1.00 9.53 -27.77
CA GLY H 57 1.19 9.07 -29.14
C GLY H 57 2.49 8.33 -29.37
N ASP H 58 3.54 8.72 -28.64
CA ASP H 58 4.86 8.10 -28.75
C ASP H 58 4.80 6.64 -28.26
N LYS H 59 4.18 6.42 -27.08
CA LYS H 59 3.97 5.11 -26.46
C LYS H 59 3.03 4.29 -27.36
N TYR H 60 1.98 4.93 -27.92
CA TYR H 60 1.03 4.26 -28.81
C TYR H 60 1.72 3.78 -30.10
N LEU H 61 2.57 4.62 -30.70
CA LEU H 61 3.30 4.25 -31.91
C LEU H 61 4.24 3.08 -31.65
N ALA H 62 4.95 3.09 -30.50
CA ALA H 62 5.87 2.06 -30.08
C ALA H 62 5.12 0.73 -29.83
N SER H 63 3.87 0.81 -29.32
CA SER H 63 3.00 -0.35 -29.08
C SER H 63 2.58 -1.01 -30.41
N ILE H 64 2.29 -0.20 -31.46
CA ILE H 64 1.91 -0.68 -32.79
C ILE H 64 3.08 -1.44 -33.42
N LYS H 65 4.30 -0.86 -33.32
CA LYS H 65 5.56 -1.39 -33.85
C LYS H 65 5.95 -2.75 -33.25
N THR H 66 5.46 -3.06 -32.03
CA THR H 66 5.73 -4.35 -31.37
C THR H 66 4.74 -5.39 -31.87
#